data_6Q5G
#
_entry.id   6Q5G
#
_cell.length_a   62.935
_cell.length_b   69.364
_cell.length_c   97.297
_cell.angle_alpha   90.00
_cell.angle_beta   104.43
_cell.angle_gamma   90.00
#
_symmetry.space_group_name_H-M   'P 1 21 1'
#
loop_
_entity.id
_entity.type
_entity.pdbx_description
1 polymer 'Sugar ABC transporter substrate-binding protein'
2 water water
#
_entity_poly.entity_id   1
_entity_poly.type   'polypeptide(L)'
_entity_poly.pdbx_seq_one_letter_code
;AACGGGSSNSGQPSQESNVKEIDVWAWDPSLKQIAADYEKKTGIKVNLKNVGTNTKEYTQLDNAIEAGSGAPDVAQIEYY
ALPQYAIKGNLLDITDKTSGYEDFYNPGPWSSVQIDGKVYALPIDAGP(MSE)AFFYNKEIFDKAGVDGEKIKTWDDYYE
AAKKIHALGDEYYITSDSGDAGFFDS(MSE)TWLAGGKPFQTTNNGKDVTINLTGDNGVKEFEKFWQKLLDEKLLDTKTV
GWSEDWFKG(MSE)QDGTIASLLTGAW(MSE)PGNLVNSAPAAAGKWRVAL(MSE)PTPNGEKANAENGGSSLAVLKSSP
KAQAAYDFIEYVAHGDGVKTHVETGAFPADKASLEADYFKNATTIKNSDGKEIDYFGGQKYNEVLAQASADVLTGYQFLP
FEVKARGVFGDYLGKSYTGNQPLSEGVAAWQKALIDYGKEQGFT(MSE)KE
;
_entity_poly.pdbx_strand_id   A,B
#
# COMPACT_ATOMS: atom_id res chain seq x y z
N GLN A 12 -5.18 -26.32 21.07
CA GLN A 12 -5.45 -27.21 19.94
C GLN A 12 -6.89 -27.69 19.93
N PRO A 13 -7.39 -28.05 18.75
CA PRO A 13 -8.73 -28.64 18.65
C PRO A 13 -8.69 -30.12 19.06
N SER A 14 -9.85 -30.77 19.01
CA SER A 14 -9.92 -32.18 19.35
C SER A 14 -9.02 -33.00 18.44
N GLN A 15 -8.49 -34.10 18.97
CA GLN A 15 -7.49 -34.91 18.29
C GLN A 15 -8.03 -36.31 18.03
N GLU A 16 -7.98 -36.73 16.77
CA GLU A 16 -8.33 -38.11 16.42
C GLU A 16 -7.47 -39.09 17.21
N SER A 17 -8.11 -40.15 17.71
CA SER A 17 -7.39 -41.15 18.49
C SER A 17 -6.65 -42.13 17.60
N ASN A 18 -7.28 -42.62 16.53
CA ASN A 18 -6.73 -43.67 15.68
C ASN A 18 -6.45 -43.07 14.31
N VAL A 19 -5.27 -42.48 14.16
CA VAL A 19 -4.92 -41.76 12.95
C VAL A 19 -4.43 -42.77 11.91
N LYS A 20 -5.06 -42.76 10.73
CA LYS A 20 -4.68 -43.63 9.63
C LYS A 20 -4.06 -42.89 8.46
N GLU A 21 -4.32 -41.60 8.31
CA GLU A 21 -3.74 -40.82 7.23
C GLU A 21 -3.57 -39.37 7.65
N ILE A 22 -2.62 -38.68 7.02
CA ILE A 22 -2.45 -37.24 7.18
C ILE A 22 -2.40 -36.59 5.82
N ASP A 23 -2.64 -35.28 5.79
CA ASP A 23 -2.62 -34.48 4.58
C ASP A 23 -1.43 -33.53 4.63
N VAL A 24 -0.67 -33.47 3.54
CA VAL A 24 0.52 -32.63 3.44
C VAL A 24 0.47 -31.83 2.15
N TRP A 25 0.73 -30.52 2.25
CA TRP A 25 0.88 -29.65 1.10
C TRP A 25 2.35 -29.29 0.96
N ALA A 26 2.94 -29.61 -0.19
CA ALA A 26 4.33 -29.28 -0.44
C ALA A 26 4.59 -29.38 -1.94
N TRP A 27 5.44 -28.49 -2.45
CA TRP A 27 5.83 -28.50 -3.85
C TRP A 27 7.16 -29.17 -4.10
N ASP A 28 7.95 -29.43 -3.07
CA ASP A 28 9.23 -30.13 -3.22
C ASP A 28 8.98 -31.50 -3.82
N PRO A 29 9.40 -31.75 -5.07
CA PRO A 29 9.09 -33.05 -5.70
C PRO A 29 9.70 -34.25 -4.99
N SER A 30 10.87 -34.10 -4.36
CA SER A 30 11.51 -35.23 -3.71
C SER A 30 10.74 -35.75 -2.51
N LEU A 31 9.79 -34.97 -1.98
CA LEU A 31 9.04 -35.43 -0.82
C LEU A 31 8.07 -36.55 -1.15
N LYS A 32 7.78 -36.80 -2.43
CA LYS A 32 6.89 -37.91 -2.77
C LYS A 32 7.53 -39.25 -2.41
N GLN A 33 8.82 -39.41 -2.71
N GLN A 33 8.81 -39.43 -2.74
CA GLN A 33 9.49 -40.65 -2.36
CA GLN A 33 9.50 -40.66 -2.37
C GLN A 33 9.76 -40.75 -0.87
C GLN A 33 9.69 -40.74 -0.86
N ILE A 34 10.10 -39.62 -0.23
CA ILE A 34 10.32 -39.64 1.21
C ILE A 34 9.02 -39.98 1.93
N ALA A 35 7.89 -39.46 1.45
CA ALA A 35 6.60 -39.83 2.04
C ALA A 35 6.32 -41.31 1.88
N ALA A 36 6.58 -41.86 0.70
CA ALA A 36 6.36 -43.29 0.48
C ALA A 36 7.23 -44.13 1.41
N ASP A 37 8.50 -43.75 1.57
CA ASP A 37 9.36 -44.43 2.54
C ASP A 37 8.75 -44.37 3.94
N TYR A 38 8.21 -43.20 4.32
CA TYR A 38 7.60 -43.06 5.63
C TYR A 38 6.40 -43.99 5.79
N GLU A 39 5.56 -44.09 4.76
CA GLU A 39 4.41 -44.98 4.82
C GLU A 39 4.83 -46.43 5.03
N LYS A 40 5.88 -46.85 4.31
CA LYS A 40 6.37 -48.22 4.45
C LYS A 40 6.84 -48.49 5.87
N LYS A 41 7.43 -47.49 6.51
CA LYS A 41 8.01 -47.66 7.84
C LYS A 41 6.96 -47.68 8.94
N THR A 42 5.92 -46.84 8.82
CA THR A 42 5.00 -46.60 9.92
C THR A 42 3.59 -47.13 9.72
N GLY A 43 3.22 -47.49 8.49
CA GLY A 43 1.86 -47.90 8.21
C GLY A 43 0.87 -46.77 8.10
N ILE A 44 1.31 -45.52 8.25
CA ILE A 44 0.44 -44.36 8.14
C ILE A 44 0.47 -43.88 6.70
N LYS A 45 -0.70 -43.55 6.16
CA LYS A 45 -0.82 -43.02 4.81
C LYS A 45 -0.52 -41.52 4.80
N VAL A 46 0.25 -41.09 3.81
CA VAL A 46 0.58 -39.68 3.65
C VAL A 46 -0.04 -39.22 2.32
N ASN A 47 -1.06 -38.38 2.42
CA ASN A 47 -1.71 -37.81 1.23
C ASN A 47 -1.00 -36.50 0.91
N LEU A 48 0.08 -36.60 0.13
CA LEU A 48 0.90 -35.45 -0.22
C LEU A 48 0.37 -34.84 -1.52
N LYS A 49 0.06 -33.54 -1.49
CA LYS A 49 -0.41 -32.83 -2.67
C LYS A 49 0.46 -31.61 -2.90
N ASN A 50 0.88 -31.43 -4.15
CA ASN A 50 1.47 -30.18 -4.62
C ASN A 50 0.32 -29.29 -5.06
N VAL A 51 -0.07 -28.34 -4.20
CA VAL A 51 -1.16 -27.43 -4.52
C VAL A 51 -0.65 -26.10 -5.05
N GLY A 52 0.63 -26.03 -5.44
CA GLY A 52 1.22 -24.81 -5.93
C GLY A 52 2.57 -24.54 -5.31
N THR A 53 3.40 -23.77 -6.01
CA THR A 53 4.73 -23.43 -5.54
C THR A 53 4.70 -22.11 -4.77
N ASN A 54 5.52 -22.04 -3.72
CA ASN A 54 5.51 -20.98 -2.71
C ASN A 54 4.21 -20.18 -2.65
N THR A 55 4.20 -18.95 -3.18
CA THR A 55 3.09 -18.04 -2.91
C THR A 55 1.76 -18.61 -3.38
N LYS A 56 1.78 -19.47 -4.40
CA LYS A 56 0.56 -20.15 -4.81
C LYS A 56 0.01 -21.00 -3.67
N GLU A 57 0.88 -21.73 -2.99
CA GLU A 57 0.45 -22.52 -1.84
C GLU A 57 -0.01 -21.62 -0.70
N TYR A 58 0.69 -20.49 -0.48
CA TYR A 58 0.35 -19.64 0.64
C TYR A 58 -1.04 -19.04 0.48
N THR A 59 -1.43 -18.73 -0.76
CA THR A 59 -2.80 -18.30 -1.01
C THR A 59 -3.79 -19.40 -0.62
N GLN A 60 -3.48 -20.65 -0.96
CA GLN A 60 -4.32 -21.76 -0.53
C GLN A 60 -4.41 -21.83 0.98
N LEU A 61 -3.27 -21.74 1.67
CA LEU A 61 -3.28 -21.75 3.13
C LEU A 61 -4.11 -20.60 3.68
N ASP A 62 -3.90 -19.39 3.15
CA ASP A 62 -4.66 -18.23 3.59
C ASP A 62 -6.17 -18.48 3.48
N ASN A 63 -6.62 -18.99 2.33
CA ASN A 63 -8.04 -19.21 2.14
C ASN A 63 -8.56 -20.27 3.11
N ALA A 64 -7.82 -21.38 3.27
CA ALA A 64 -8.26 -22.43 4.19
C ALA A 64 -8.34 -21.91 5.62
N ILE A 65 -7.39 -21.05 6.01
CA ILE A 65 -7.45 -20.44 7.34
C ILE A 65 -8.65 -19.51 7.44
N GLU A 66 -8.81 -18.62 6.46
CA GLU A 66 -9.99 -17.77 6.39
C GLU A 66 -11.27 -18.59 6.55
N ALA A 67 -11.40 -19.65 5.74
CA ALA A 67 -12.63 -20.44 5.71
C ALA A 67 -12.81 -21.35 6.91
N GLY A 68 -11.76 -21.56 7.71
CA GLY A 68 -11.86 -22.43 8.85
C GLY A 68 -11.98 -23.90 8.52
N SER A 69 -11.63 -24.30 7.31
CA SER A 69 -11.65 -25.71 6.93
C SER A 69 -10.83 -25.90 5.67
N GLY A 70 -10.46 -27.16 5.43
CA GLY A 70 -9.72 -27.52 4.23
C GLY A 70 -8.22 -27.46 4.36
N ALA A 71 -7.70 -27.03 5.50
CA ALA A 71 -6.26 -26.90 5.66
C ALA A 71 -5.60 -28.27 5.78
N PRO A 72 -4.36 -28.40 5.33
CA PRO A 72 -3.64 -29.66 5.53
C PRO A 72 -3.20 -29.81 6.97
N ASP A 73 -2.67 -30.99 7.29
CA ASP A 73 -2.03 -31.17 8.58
C ASP A 73 -0.62 -30.62 8.58
N VAL A 74 0.08 -30.71 7.45
CA VAL A 74 1.45 -30.25 7.30
C VAL A 74 1.55 -29.42 6.03
N ALA A 75 2.41 -28.40 6.06
CA ALA A 75 2.63 -27.57 4.89
C ALA A 75 4.10 -27.17 4.80
N GLN A 76 4.64 -27.21 3.58
CA GLN A 76 5.95 -26.66 3.31
C GLN A 76 5.87 -25.14 3.27
N ILE A 77 6.74 -24.46 4.02
CA ILE A 77 6.73 -23.01 4.10
C ILE A 77 8.17 -22.51 4.07
N GLU A 78 8.46 -21.61 3.14
CA GLU A 78 9.77 -20.97 3.11
C GLU A 78 9.98 -20.14 4.37
N TYR A 79 11.24 -20.04 4.79
CA TYR A 79 11.55 -19.38 6.05
C TYR A 79 10.98 -17.97 6.11
N TYR A 80 11.11 -17.21 5.02
CA TYR A 80 10.67 -15.82 5.05
C TYR A 80 9.17 -15.68 5.27
N ALA A 81 8.41 -16.74 4.99
CA ALA A 81 6.94 -16.70 5.09
C ALA A 81 6.42 -17.27 6.41
N LEU A 82 7.29 -17.88 7.21
CA LEU A 82 6.82 -18.52 8.45
C LEU A 82 6.19 -17.53 9.42
N PRO A 83 6.80 -16.38 9.72
CA PRO A 83 6.17 -15.47 10.70
C PRO A 83 4.75 -15.11 10.35
N GLN A 84 4.42 -15.04 9.06
CA GLN A 84 3.06 -14.71 8.64
C GLN A 84 2.04 -15.64 9.29
N TYR A 85 2.37 -16.93 9.40
CA TYR A 85 1.46 -17.91 9.98
C TYR A 85 1.72 -18.15 11.46
N ALA A 86 2.97 -18.08 11.90
CA ALA A 86 3.29 -18.30 13.30
C ALA A 86 2.72 -17.19 14.18
N ILE A 87 2.81 -15.93 13.74
CA ILE A 87 2.40 -14.82 14.57
C ILE A 87 0.89 -14.75 14.71
N LYS A 88 0.14 -15.20 13.70
CA LYS A 88 -1.30 -15.26 13.79
C LYS A 88 -1.81 -16.55 14.46
N GLY A 89 -0.91 -17.33 15.06
CA GLY A 89 -1.32 -18.51 15.79
C GLY A 89 -1.79 -19.67 14.93
N ASN A 90 -1.40 -19.70 13.66
CA ASN A 90 -1.86 -20.73 12.73
C ASN A 90 -0.90 -21.92 12.63
N LEU A 91 0.24 -21.87 13.30
CA LEU A 91 1.19 -22.96 13.29
C LEU A 91 1.36 -23.53 14.69
N LEU A 92 1.49 -24.85 14.78
CA LEU A 92 1.71 -25.49 16.06
C LEU A 92 3.09 -25.15 16.59
N ASP A 93 3.14 -24.68 17.84
CA ASP A 93 4.41 -24.49 18.54
C ASP A 93 4.95 -25.86 18.93
N ILE A 94 6.07 -26.24 18.32
CA ILE A 94 6.68 -27.55 18.53
C ILE A 94 7.96 -27.43 19.36
N THR A 95 8.11 -26.35 20.13
CA THR A 95 9.34 -26.13 20.88
C THR A 95 9.66 -27.30 21.81
N ASP A 96 8.65 -27.82 22.51
CA ASP A 96 8.91 -28.86 23.50
C ASP A 96 9.31 -30.17 22.85
N LYS A 97 8.92 -30.40 21.60
CA LYS A 97 9.28 -31.61 20.88
C LYS A 97 10.65 -31.52 20.22
N THR A 98 11.34 -30.38 20.32
CA THR A 98 12.59 -30.15 19.60
C THR A 98 13.74 -29.86 20.55
N SER A 99 13.65 -30.33 21.80
CA SER A 99 14.75 -30.12 22.74
C SER A 99 16.02 -30.77 22.20
N GLY A 100 17.10 -30.00 22.15
CA GLY A 100 18.37 -30.49 21.66
C GLY A 100 18.56 -30.34 20.16
N TYR A 101 17.50 -30.00 19.41
CA TYR A 101 17.64 -29.87 17.97
C TYR A 101 18.57 -28.75 17.55
N GLU A 102 18.81 -27.78 18.44
CA GLU A 102 19.75 -26.69 18.13
C GLU A 102 21.12 -27.24 17.74
N ASP A 103 21.51 -28.38 18.29
CA ASP A 103 22.78 -28.99 17.93
C ASP A 103 22.73 -29.73 16.61
N PHE A 104 21.53 -30.05 16.12
CA PHE A 104 21.37 -30.80 14.89
C PHE A 104 21.42 -29.91 13.65
N TYR A 105 20.81 -28.73 13.72
CA TYR A 105 20.59 -27.89 12.55
C TYR A 105 21.65 -26.81 12.44
N ASN A 106 21.90 -26.40 11.19
CA ASN A 106 22.79 -25.29 10.94
C ASN A 106 22.20 -23.98 11.49
N PRO A 107 23.04 -23.01 11.82
CA PRO A 107 22.54 -21.82 12.54
C PRO A 107 21.49 -21.03 11.77
N GLY A 108 21.67 -20.83 10.47
CA GLY A 108 20.74 -20.05 9.70
C GLY A 108 19.33 -20.63 9.73
N PRO A 109 19.19 -21.87 9.28
CA PRO A 109 17.86 -22.51 9.33
C PRO A 109 17.27 -22.56 10.73
N TRP A 110 18.06 -22.88 11.74
CA TRP A 110 17.50 -23.00 13.09
C TRP A 110 17.00 -21.64 13.59
N SER A 111 17.76 -20.58 13.33
CA SER A 111 17.29 -19.25 13.67
C SER A 111 16.03 -18.90 12.90
N SER A 112 15.87 -19.41 11.68
CA SER A 112 14.80 -19.00 10.79
C SER A 112 13.48 -19.71 11.06
N VAL A 113 13.46 -20.80 11.85
CA VAL A 113 12.21 -21.45 12.20
C VAL A 113 11.70 -21.02 13.57
N GLN A 114 12.35 -20.06 14.21
CA GLN A 114 11.94 -19.57 15.52
C GLN A 114 11.29 -18.20 15.37
N ILE A 115 10.13 -18.04 16.00
CA ILE A 115 9.44 -16.76 16.08
C ILE A 115 9.05 -16.54 17.54
N ASP A 116 9.34 -15.35 18.06
CA ASP A 116 9.08 -15.01 19.45
C ASP A 116 9.56 -16.11 20.40
N GLY A 117 10.76 -16.62 20.12
CA GLY A 117 11.39 -17.59 20.99
C GLY A 117 10.84 -19.00 20.91
N LYS A 118 9.95 -19.29 19.97
CA LYS A 118 9.32 -20.60 19.85
C LYS A 118 9.57 -21.17 18.47
N VAL A 119 9.70 -22.50 18.41
CA VAL A 119 9.94 -23.23 17.17
C VAL A 119 8.58 -23.54 16.54
N TYR A 120 8.42 -23.18 15.27
CA TYR A 120 7.16 -23.40 14.55
C TYR A 120 7.33 -24.23 13.28
N ALA A 121 8.52 -24.76 13.03
CA ALA A 121 8.73 -25.62 11.87
C ALA A 121 10.10 -26.28 11.99
N LEU A 122 10.33 -27.30 11.15
CA LEU A 122 11.63 -27.94 11.05
C LEU A 122 12.25 -27.67 9.69
N PRO A 123 13.52 -27.27 9.63
CA PRO A 123 14.18 -27.09 8.32
C PRO A 123 14.25 -28.37 7.51
N ILE A 124 14.04 -28.24 6.19
CA ILE A 124 14.23 -29.39 5.30
C ILE A 124 15.26 -29.08 4.22
N ASP A 125 15.45 -27.80 3.89
CA ASP A 125 16.51 -27.41 2.98
C ASP A 125 16.92 -25.98 3.30
N ALA A 126 18.13 -25.62 2.87
CA ALA A 126 18.72 -24.33 3.22
C ALA A 126 19.34 -23.68 1.99
N GLY A 127 19.74 -22.43 2.15
CA GLY A 127 20.30 -21.67 1.06
C GLY A 127 21.29 -20.63 1.53
N PRO A 128 22.32 -21.05 2.26
CA PRO A 128 23.39 -20.10 2.60
C PRO A 128 23.98 -19.53 1.32
N ALA A 130 26.56 -17.87 -1.45
CA ALA A 130 27.90 -18.18 -1.92
C ALA A 130 28.16 -17.35 -3.17
N PHE A 131 29.44 -17.20 -3.48
CA PHE A 131 29.91 -16.39 -4.60
C PHE A 131 30.34 -17.36 -5.71
N PHE A 132 29.45 -17.53 -6.69
CA PHE A 132 29.74 -18.36 -7.87
C PHE A 132 30.26 -17.47 -8.98
N TYR A 133 31.38 -17.87 -9.59
CA TYR A 133 32.00 -17.01 -10.59
C TYR A 133 32.49 -17.82 -11.77
N ASN A 134 32.51 -17.18 -12.93
CA ASN A 134 33.05 -17.74 -14.17
C ASN A 134 34.54 -17.48 -14.18
N LYS A 135 35.33 -18.52 -13.89
CA LYS A 135 36.77 -18.34 -13.75
C LYS A 135 37.42 -17.95 -15.07
N GLU A 136 36.86 -18.38 -16.20
CA GLU A 136 37.38 -18.01 -17.50
C GLU A 136 37.30 -16.50 -17.71
N ILE A 137 36.16 -15.90 -17.34
CA ILE A 137 35.99 -14.46 -17.48
C ILE A 137 36.83 -13.71 -16.46
N PHE A 138 36.86 -14.20 -15.22
CA PHE A 138 37.63 -13.53 -14.18
C PHE A 138 39.13 -13.54 -14.51
N ASP A 139 39.66 -14.71 -14.91
CA ASP A 139 41.06 -14.78 -15.29
C ASP A 139 41.37 -13.80 -16.42
N LYS A 140 40.54 -13.79 -17.47
CA LYS A 140 40.78 -12.88 -18.59
C LYS A 140 40.76 -11.42 -18.14
N ALA A 141 39.94 -11.09 -17.15
CA ALA A 141 39.90 -9.74 -16.61
C ALA A 141 41.07 -9.47 -15.66
N GLY A 142 41.83 -10.47 -15.28
CA GLY A 142 42.90 -10.29 -14.32
C GLY A 142 42.45 -10.35 -12.88
N VAL A 143 41.33 -10.99 -12.59
CA VAL A 143 40.76 -11.06 -11.26
C VAL A 143 40.90 -12.50 -10.75
N ASP A 144 41.42 -12.64 -9.54
CA ASP A 144 41.48 -13.93 -8.87
C ASP A 144 40.23 -14.07 -8.00
N GLY A 145 39.30 -14.91 -8.43
CA GLY A 145 38.05 -15.07 -7.70
C GLY A 145 38.21 -15.64 -6.31
N GLU A 146 39.36 -16.27 -6.02
CA GLU A 146 39.61 -16.79 -4.69
C GLU A 146 40.13 -15.73 -3.72
N LYS A 147 40.32 -14.49 -4.18
CA LYS A 147 40.86 -13.42 -3.35
C LYS A 147 39.88 -12.25 -3.24
N ILE A 148 38.59 -12.50 -3.44
CA ILE A 148 37.57 -11.48 -3.27
C ILE A 148 36.98 -11.63 -1.87
N LYS A 149 37.65 -11.06 -0.87
CA LYS A 149 37.24 -11.23 0.52
C LYS A 149 36.35 -10.13 1.04
N THR A 150 36.53 -8.90 0.57
CA THR A 150 35.79 -7.76 1.05
C THR A 150 34.92 -7.20 -0.06
N TRP A 151 33.97 -6.36 0.32
CA TRP A 151 33.13 -5.68 -0.67
C TRP A 151 33.97 -4.76 -1.53
N ASP A 152 35.06 -4.20 -0.99
CA ASP A 152 35.95 -3.38 -1.81
C ASP A 152 36.66 -4.24 -2.85
N ASP A 153 37.11 -5.44 -2.49
CA ASP A 153 37.66 -6.36 -3.47
C ASP A 153 36.67 -6.60 -4.61
N TYR A 154 35.39 -6.77 -4.28
CA TYR A 154 34.37 -7.02 -5.29
C TYR A 154 34.17 -5.78 -6.18
N TYR A 155 34.23 -4.59 -5.58
CA TYR A 155 34.12 -3.37 -6.37
C TYR A 155 35.28 -3.25 -7.35
N GLU A 156 36.51 -3.51 -6.89
CA GLU A 156 37.66 -3.44 -7.78
C GLU A 156 37.57 -4.51 -8.87
N ALA A 157 37.14 -5.72 -8.51
CA ALA A 157 36.91 -6.74 -9.52
C ALA A 157 35.86 -6.29 -10.53
N ALA A 158 34.80 -5.63 -10.06
CA ALA A 158 33.75 -5.19 -10.96
C ALA A 158 34.30 -4.23 -12.01
N LYS A 159 35.24 -3.37 -11.64
CA LYS A 159 35.82 -2.45 -12.60
C LYS A 159 36.67 -3.18 -13.62
N LYS A 160 37.41 -4.21 -13.19
CA LYS A 160 38.25 -4.95 -14.12
C LYS A 160 37.42 -5.78 -15.08
N ILE A 161 36.31 -6.35 -14.60
CA ILE A 161 35.46 -7.16 -15.47
C ILE A 161 34.80 -6.26 -16.52
N HIS A 162 34.23 -5.13 -16.09
CA HIS A 162 33.60 -4.23 -17.05
C HIS A 162 34.61 -3.65 -18.02
N ALA A 163 35.89 -3.62 -17.65
CA ALA A 163 36.93 -3.15 -18.55
C ALA A 163 37.12 -4.08 -19.74
N LEU A 164 36.66 -5.34 -19.63
CA LEU A 164 36.73 -6.26 -20.75
C LEU A 164 35.95 -5.77 -21.96
N GLY A 165 34.94 -4.92 -21.75
CA GLY A 165 34.06 -4.50 -22.80
C GLY A 165 32.76 -3.94 -22.25
N ASP A 166 32.13 -3.03 -23.00
CA ASP A 166 30.96 -2.33 -22.50
C ASP A 166 29.80 -3.26 -22.18
N GLU A 167 29.83 -4.50 -22.66
CA GLU A 167 28.73 -5.43 -22.43
C GLU A 167 29.03 -6.43 -21.31
N TYR A 168 30.15 -6.30 -20.63
CA TYR A 168 30.58 -7.27 -19.62
C TYR A 168 30.34 -6.70 -18.24
N TYR A 169 29.76 -7.52 -17.36
CA TYR A 169 29.37 -7.08 -16.02
C TYR A 169 29.65 -8.20 -15.03
N ILE A 170 30.12 -7.81 -13.84
CA ILE A 170 30.45 -8.79 -12.82
C ILE A 170 29.21 -9.59 -12.43
N THR A 171 28.04 -8.95 -12.43
CA THR A 171 26.77 -9.64 -12.21
C THR A 171 25.65 -8.73 -12.67
N SER A 172 24.43 -9.25 -12.56
CA SER A 172 23.22 -8.50 -12.92
C SER A 172 22.34 -8.35 -11.69
N ASP A 173 21.60 -7.24 -11.64
CA ASP A 173 20.62 -6.98 -10.59
C ASP A 173 19.66 -5.93 -11.13
N SER A 174 18.43 -6.32 -11.42
CA SER A 174 17.39 -5.41 -11.87
C SER A 174 16.38 -5.07 -10.79
N GLY A 175 16.69 -5.41 -9.53
CA GLY A 175 15.75 -5.19 -8.45
C GLY A 175 15.10 -6.49 -8.00
N ASP A 176 15.57 -7.07 -6.91
CA ASP A 176 15.00 -8.30 -6.37
C ASP A 176 14.94 -8.17 -4.86
N ALA A 177 13.73 -8.22 -4.30
CA ALA A 177 13.56 -8.05 -2.86
C ALA A 177 14.36 -9.08 -2.08
N GLY A 178 14.32 -10.34 -2.50
CA GLY A 178 15.04 -11.37 -1.77
C GLY A 178 16.54 -11.14 -1.76
N PHE A 179 17.09 -10.69 -2.89
CA PHE A 179 18.52 -10.37 -2.94
C PHE A 179 18.85 -9.22 -1.99
N PHE A 180 18.06 -8.15 -2.05
CA PHE A 180 18.30 -7.00 -1.17
C PHE A 180 18.26 -7.44 0.29
N ASP A 181 17.19 -8.11 0.70
CA ASP A 181 17.08 -8.56 2.08
C ASP A 181 18.27 -9.43 2.47
N SER A 182 18.68 -10.34 1.58
CA SER A 182 19.77 -11.25 1.91
C SER A 182 21.08 -10.49 2.11
N THR A 184 21.45 -7.27 3.10
CA THR A 184 21.42 -6.54 4.37
C THR A 184 21.60 -7.48 5.55
N TRP A 185 21.05 -8.69 5.44
CA TRP A 185 21.34 -9.74 6.43
C TRP A 185 22.83 -9.97 6.53
N LEU A 186 23.50 -10.18 5.39
CA LEU A 186 24.93 -10.45 5.40
C LEU A 186 25.71 -9.33 6.08
N ALA A 187 25.28 -8.08 5.89
CA ALA A 187 25.96 -6.95 6.49
C ALA A 187 25.65 -6.78 7.97
N GLY A 188 24.92 -7.72 8.57
CA GLY A 188 24.52 -7.57 9.95
C GLY A 188 23.33 -6.67 10.16
N GLY A 189 22.56 -6.39 9.12
CA GLY A 189 21.41 -5.54 9.26
C GLY A 189 20.28 -6.23 9.99
N LYS A 190 19.48 -5.43 10.70
CA LYS A 190 18.31 -5.92 11.43
C LYS A 190 17.18 -4.90 11.28
N PRO A 191 16.78 -4.61 10.04
CA PRO A 191 15.77 -3.55 9.83
C PRO A 191 14.38 -3.94 10.27
N PHE A 192 14.11 -5.24 10.44
CA PHE A 192 12.81 -5.73 10.84
C PHE A 192 12.97 -6.41 12.20
N GLN A 193 12.29 -5.88 13.22
CA GLN A 193 12.37 -6.41 14.58
C GLN A 193 10.96 -6.54 15.13
N THR A 194 10.58 -7.75 15.53
CA THR A 194 9.29 -8.02 16.13
C THR A 194 9.47 -8.26 17.62
N THR A 195 8.69 -7.55 18.44
CA THR A 195 8.83 -7.58 19.88
C THR A 195 7.45 -7.70 20.52
N ASN A 196 7.43 -7.81 21.84
CA ASN A 196 6.19 -7.77 22.61
C ASN A 196 5.25 -8.90 22.20
N ASN A 197 5.79 -10.11 22.13
CA ASN A 197 5.01 -11.31 21.81
C ASN A 197 4.26 -11.16 20.49
N GLY A 198 4.92 -10.56 19.50
CA GLY A 198 4.39 -10.45 18.16
C GLY A 198 3.50 -9.25 17.91
N LYS A 199 3.29 -8.40 18.91
CA LYS A 199 2.37 -7.27 18.76
C LYS A 199 3.06 -6.03 18.22
N ASP A 200 4.34 -5.85 18.48
CA ASP A 200 5.08 -4.66 18.08
C ASP A 200 6.07 -5.02 16.97
N VAL A 201 6.12 -4.17 15.94
CA VAL A 201 7.03 -4.36 14.81
C VAL A 201 7.75 -3.05 14.58
N THR A 202 9.08 -3.09 14.61
CA THR A 202 9.92 -1.94 14.31
C THR A 202 10.52 -2.15 12.93
N ILE A 203 10.23 -1.25 12.00
CA ILE A 203 10.82 -1.25 10.68
C ILE A 203 11.75 -0.06 10.60
N ASN A 204 13.05 -0.33 10.55
CA ASN A 204 14.08 0.71 10.52
C ASN A 204 15.00 0.50 9.32
N LEU A 205 14.41 0.34 8.14
CA LEU A 205 15.21 0.22 6.92
C LEU A 205 16.05 1.48 6.71
N THR A 206 15.49 2.64 7.02
CA THR A 206 16.17 3.90 6.73
C THR A 206 17.34 4.15 7.66
N GLY A 207 17.28 3.65 8.90
CA GLY A 207 18.31 3.95 9.87
C GLY A 207 19.23 2.79 10.20
N ASP A 208 18.88 1.58 9.77
CA ASP A 208 19.67 0.41 10.11
C ASP A 208 21.06 0.50 9.50
N ASN A 209 22.08 0.23 10.31
CA ASN A 209 23.46 0.42 9.86
C ASN A 209 23.84 -0.60 8.81
N GLY A 210 23.40 -1.85 8.96
CA GLY A 210 23.67 -2.84 7.94
C GLY A 210 23.06 -2.47 6.60
N VAL A 211 21.78 -2.07 6.61
CA VAL A 211 21.12 -1.64 5.39
C VAL A 211 21.90 -0.51 4.73
N LYS A 212 22.26 0.50 5.52
CA LYS A 212 22.96 1.66 4.97
C LYS A 212 24.33 1.27 4.41
N GLU A 213 24.98 0.28 5.02
CA GLU A 213 26.28 -0.15 4.52
C GLU A 213 26.14 -0.82 3.15
N PHE A 214 25.13 -1.68 2.98
CA PHE A 214 24.90 -2.30 1.68
C PHE A 214 24.52 -1.26 0.65
N GLU A 215 23.62 -0.34 1.01
CA GLU A 215 23.20 0.72 0.08
C GLU A 215 24.39 1.50 -0.43
N LYS A 216 25.28 1.92 0.47
CA LYS A 216 26.45 2.71 0.07
C LYS A 216 27.32 1.93 -0.90
N PHE A 217 27.53 0.64 -0.64
CA PHE A 217 28.37 -0.19 -1.49
C PHE A 217 27.71 -0.43 -2.84
N TRP A 218 26.46 -0.89 -2.83
CA TRP A 218 25.77 -1.19 -4.08
C TRP A 218 25.51 0.08 -4.89
N GLN A 219 25.30 1.21 -4.21
CA GLN A 219 25.05 2.46 -4.93
C GLN A 219 26.26 2.90 -5.75
N LYS A 220 27.47 2.57 -5.29
CA LYS A 220 28.67 2.91 -6.05
C LYS A 220 28.75 2.10 -7.33
N LEU A 221 28.45 0.79 -7.27
CA LEU A 221 28.38 -0.02 -8.47
C LEU A 221 27.32 0.51 -9.42
N LEU A 222 26.15 0.86 -8.88
CA LEU A 222 25.08 1.42 -9.72
C LEU A 222 25.51 2.73 -10.35
N ASP A 223 26.09 3.64 -9.56
CA ASP A 223 26.41 4.97 -10.07
C ASP A 223 27.51 4.91 -11.13
N GLU A 224 28.48 4.02 -10.94
CA GLU A 224 29.59 3.86 -11.89
C GLU A 224 29.25 2.88 -13.01
N LYS A 225 27.99 2.46 -13.13
CA LYS A 225 27.53 1.65 -14.25
C LYS A 225 28.29 0.34 -14.36
N LEU A 226 28.51 -0.33 -13.22
CA LEU A 226 29.27 -1.57 -13.16
C LEU A 226 28.38 -2.80 -12.99
N LEU A 227 27.06 -2.63 -13.01
CA LEU A 227 26.13 -3.74 -12.90
C LEU A 227 25.23 -3.80 -14.13
N ASP A 228 24.86 -5.02 -14.51
CA ASP A 228 23.84 -5.23 -15.53
C ASP A 228 22.48 -5.06 -14.85
N THR A 229 21.88 -3.89 -15.02
CA THR A 229 20.62 -3.56 -14.35
C THR A 229 19.39 -3.85 -15.20
N LYS A 230 19.56 -4.42 -16.40
CA LYS A 230 18.44 -4.67 -17.29
C LYS A 230 18.03 -6.13 -17.34
N THR A 231 18.97 -7.06 -17.22
CA THR A 231 18.62 -8.47 -17.26
C THR A 231 17.84 -8.86 -16.00
N VAL A 232 16.70 -9.50 -16.20
CA VAL A 232 15.85 -9.92 -15.10
C VAL A 232 16.25 -11.34 -14.68
N GLY A 233 16.32 -11.56 -13.38
CA GLY A 233 16.63 -12.86 -12.85
C GLY A 233 15.76 -13.98 -13.41
N TRP A 234 16.37 -15.11 -13.74
CA TRP A 234 15.71 -16.32 -14.21
C TRP A 234 15.10 -16.16 -15.60
N SER A 235 15.34 -15.03 -16.28
CA SER A 235 14.90 -14.87 -17.66
C SER A 235 15.88 -15.58 -18.60
N GLU A 236 15.48 -15.69 -19.87
CA GLU A 236 16.36 -16.33 -20.84
C GLU A 236 17.61 -15.51 -21.09
N ASP A 237 17.49 -14.18 -21.11
CA ASP A 237 18.66 -13.33 -21.25
C ASP A 237 19.62 -13.51 -20.08
N TRP A 238 19.10 -13.93 -18.92
CA TRP A 238 19.93 -14.15 -17.75
C TRP A 238 20.80 -15.38 -17.90
N PHE A 239 20.20 -16.52 -18.27
CA PHE A 239 20.98 -17.73 -18.51
C PHE A 239 21.89 -17.56 -19.71
N LYS A 240 21.44 -16.85 -20.74
CA LYS A 240 22.30 -16.51 -21.86
C LYS A 240 23.53 -15.74 -21.39
N GLY A 241 23.31 -14.66 -20.65
CA GLY A 241 24.42 -13.87 -20.15
C GLY A 241 25.42 -14.70 -19.36
N GLN A 243 26.08 -17.89 -19.80
CA GLN A 243 26.75 -18.85 -20.66
C GLN A 243 27.71 -18.18 -21.63
N ASP A 244 27.48 -16.91 -21.97
CA ASP A 244 28.34 -16.19 -22.91
C ASP A 244 29.25 -15.19 -22.22
N GLY A 245 29.23 -15.12 -20.89
CA GLY A 245 30.24 -14.40 -20.14
C GLY A 245 29.89 -12.97 -19.75
N THR A 246 28.82 -12.40 -20.30
CA THR A 246 28.47 -11.03 -19.98
C THR A 246 27.89 -10.89 -18.57
N ILE A 247 27.48 -11.98 -17.95
CA ILE A 247 27.17 -12.02 -16.52
C ILE A 247 28.17 -12.99 -15.92
N ALA A 248 29.18 -12.45 -15.23
CA ALA A 248 30.37 -13.21 -14.89
C ALA A 248 30.28 -13.94 -13.55
N SER A 249 29.32 -13.60 -12.69
CA SER A 249 29.23 -14.23 -11.39
C SER A 249 27.83 -14.04 -10.83
N LEU A 250 27.56 -14.73 -9.72
CA LEU A 250 26.28 -14.69 -9.05
C LEU A 250 26.51 -14.66 -7.54
N LEU A 251 25.78 -13.80 -6.85
CA LEU A 251 25.70 -13.81 -5.39
C LEU A 251 24.32 -14.39 -5.06
N THR A 252 24.28 -15.66 -4.67
CA THR A 252 23.00 -16.34 -4.53
C THR A 252 23.18 -17.55 -3.60
N GLY A 253 22.09 -18.30 -3.42
CA GLY A 253 22.06 -19.36 -2.43
C GLY A 253 22.76 -20.62 -2.88
N ALA A 254 23.10 -21.46 -1.90
CA ALA A 254 23.86 -22.68 -2.13
C ALA A 254 23.12 -23.69 -3.01
N TRP A 255 21.82 -23.49 -3.26
CA TRP A 255 21.06 -24.38 -4.11
C TRP A 255 21.26 -24.11 -5.60
N PRO A 257 23.78 -24.47 -7.75
CA PRO A 257 24.47 -25.43 -8.64
C PRO A 257 23.54 -26.33 -9.42
N GLY A 258 22.46 -26.81 -8.80
CA GLY A 258 21.52 -27.64 -9.52
C GLY A 258 20.90 -26.94 -10.72
N ASN A 259 20.63 -25.64 -10.58
CA ASN A 259 20.07 -24.88 -11.70
C ASN A 259 21.14 -24.58 -12.74
N LEU A 260 22.37 -24.29 -12.31
CA LEU A 260 23.45 -24.10 -13.26
C LEU A 260 23.58 -25.30 -14.20
N VAL A 261 23.59 -26.52 -13.63
CA VAL A 261 23.88 -27.70 -14.44
C VAL A 261 22.81 -27.92 -15.49
N ASN A 262 21.55 -27.65 -15.14
CA ASN A 262 20.43 -27.93 -16.04
C ASN A 262 20.08 -26.77 -16.94
N SER A 263 20.28 -25.53 -16.49
CA SER A 263 19.88 -24.36 -17.24
C SER A 263 21.03 -23.61 -17.88
N ALA A 264 22.28 -23.86 -17.47
CA ALA A 264 23.45 -23.26 -18.11
C ALA A 264 24.50 -24.34 -18.42
N PRO A 265 24.10 -25.42 -19.09
CA PRO A 265 25.04 -26.54 -19.29
C PRO A 265 26.26 -26.19 -20.12
N ALA A 266 26.20 -25.13 -20.93
CA ALA A 266 27.32 -24.82 -21.83
C ALA A 266 28.57 -24.42 -21.06
N ALA A 267 28.41 -23.84 -19.87
CA ALA A 267 29.54 -23.32 -19.11
C ALA A 267 30.11 -24.33 -18.14
N ALA A 268 29.73 -25.59 -18.23
CA ALA A 268 30.25 -26.60 -17.30
C ALA A 268 31.77 -26.63 -17.36
N GLY A 269 32.40 -26.55 -16.18
CA GLY A 269 33.84 -26.55 -16.06
C GLY A 269 34.46 -25.18 -15.95
N LYS A 270 33.74 -24.13 -16.34
CA LYS A 270 34.28 -22.78 -16.29
C LYS A 270 34.03 -22.06 -14.98
N TRP A 271 33.10 -22.56 -14.15
CA TRP A 271 32.69 -21.85 -12.95
C TRP A 271 33.37 -22.43 -11.73
N ARG A 272 33.45 -21.59 -10.68
CA ARG A 272 33.92 -21.99 -9.37
C ARG A 272 33.00 -21.36 -8.33
N VAL A 273 33.15 -21.78 -7.08
CA VAL A 273 32.39 -21.19 -5.98
C VAL A 273 33.35 -20.76 -4.89
N ALA A 274 33.05 -19.63 -4.26
CA ALA A 274 33.83 -19.11 -3.15
C ALA A 274 32.87 -18.54 -2.11
N LEU A 275 33.42 -18.22 -0.94
CA LEU A 275 32.62 -17.61 0.10
C LEU A 275 32.21 -16.20 -0.30
N PRO A 277 31.90 -12.36 -0.33
CA PRO A 277 32.63 -11.21 0.21
C PRO A 277 31.77 -10.48 1.24
N THR A 278 32.43 -9.96 2.26
CA THR A 278 31.75 -9.30 3.37
C THR A 278 32.24 -7.86 3.48
N PRO A 279 31.48 -6.99 4.17
CA PRO A 279 31.86 -5.57 4.20
C PRO A 279 33.30 -5.32 4.60
N ASN A 280 33.78 -5.92 5.69
CA ASN A 280 35.13 -5.69 6.18
C ASN A 280 35.96 -6.97 6.20
N GLY A 281 35.53 -8.01 5.47
CA GLY A 281 36.20 -9.28 5.51
C GLY A 281 35.91 -10.11 6.73
N GLU A 282 34.94 -9.71 7.56
CA GLU A 282 34.60 -10.48 8.73
C GLU A 282 33.89 -11.78 8.33
N LYS A 283 33.84 -12.71 9.27
CA LYS A 283 33.09 -13.96 9.10
C LYS A 283 31.61 -13.66 9.24
N ALA A 284 30.88 -13.74 8.12
CA ALA A 284 29.47 -13.37 8.11
C ALA A 284 28.84 -13.88 6.82
N ASN A 285 27.57 -14.23 6.90
CA ASN A 285 26.84 -14.71 5.74
C ASN A 285 25.35 -14.60 6.02
N ALA A 286 24.57 -14.75 4.95
CA ALA A 286 23.12 -14.72 5.01
C ALA A 286 22.58 -15.96 4.30
N GLU A 287 21.26 -16.10 4.31
CA GLU A 287 20.58 -17.11 3.54
C GLU A 287 19.69 -16.47 2.48
N ASN A 288 19.42 -17.22 1.43
CA ASN A 288 18.48 -16.82 0.39
C ASN A 288 17.71 -18.06 -0.04
N GLY A 289 16.41 -18.04 0.14
CA GLY A 289 15.61 -19.22 -0.10
C GLY A 289 15.74 -20.22 1.04
N GLY A 290 15.25 -21.42 0.79
CA GLY A 290 15.20 -22.47 1.78
C GLY A 290 13.81 -22.59 2.39
N SER A 291 13.48 -23.79 2.86
CA SER A 291 12.11 -24.02 3.30
C SER A 291 12.08 -25.03 4.45
N SER A 292 10.89 -25.15 5.03
CA SER A 292 10.66 -25.95 6.23
C SER A 292 9.32 -26.66 6.09
N LEU A 293 9.06 -27.56 7.03
CA LEU A 293 7.75 -28.19 7.18
C LEU A 293 7.19 -27.78 8.55
N ALA A 294 5.93 -27.36 8.55
CA ALA A 294 5.25 -26.91 9.76
C ALA A 294 3.95 -27.68 9.92
N VAL A 295 3.56 -27.86 11.18
CA VAL A 295 2.26 -28.45 11.50
C VAL A 295 1.25 -27.32 11.68
N LEU A 296 0.09 -27.47 11.04
CA LEU A 296 -0.98 -26.48 11.20
C LEU A 296 -1.61 -26.61 12.57
N LYS A 297 -1.78 -25.48 13.25
CA LYS A 297 -2.43 -25.47 14.57
C LYS A 297 -3.81 -26.12 14.51
N SER A 298 -4.49 -26.03 13.37
CA SER A 298 -5.84 -26.58 13.22
C SER A 298 -5.85 -28.10 13.08
N SER A 299 -4.70 -28.75 12.96
CA SER A 299 -4.68 -30.17 12.63
C SER A 299 -5.32 -30.99 13.74
N PRO A 300 -6.25 -31.90 13.41
CA PRO A 300 -6.71 -32.88 14.40
C PRO A 300 -5.78 -34.08 14.56
N LYS A 301 -4.63 -34.06 13.89
CA LYS A 301 -3.67 -35.15 13.84
C LYS A 301 -2.27 -34.63 14.17
N ALA A 302 -2.19 -33.82 15.23
CA ALA A 302 -0.98 -33.06 15.50
C ALA A 302 0.22 -33.97 15.71
N GLN A 303 0.07 -35.01 16.53
CA GLN A 303 1.23 -35.85 16.82
C GLN A 303 1.67 -36.63 15.59
N ALA A 304 0.72 -37.16 14.82
CA ALA A 304 1.08 -37.88 13.60
C ALA A 304 1.71 -36.94 12.57
N ALA A 305 1.23 -35.70 12.51
CA ALA A 305 1.83 -34.72 11.60
C ALA A 305 3.25 -34.41 12.02
N TYR A 306 3.50 -34.25 13.32
CA TYR A 306 4.86 -33.99 13.78
C TYR A 306 5.77 -35.16 13.48
N ASP A 307 5.31 -36.39 13.74
CA ASP A 307 6.14 -37.57 13.48
C ASP A 307 6.61 -37.60 12.03
N PHE A 308 5.75 -37.16 11.10
CA PHE A 308 6.11 -37.15 9.69
C PHE A 308 7.21 -36.13 9.42
N ILE A 309 7.04 -34.88 9.88
CA ILE A 309 8.06 -33.87 9.61
C ILE A 309 9.35 -34.20 10.35
N GLU A 310 9.25 -34.89 11.49
CA GLU A 310 10.47 -35.34 12.19
C GLU A 310 11.26 -36.31 11.33
N TYR A 311 10.56 -37.25 10.67
CA TYR A 311 11.24 -38.20 9.80
C TYR A 311 11.89 -37.49 8.61
N VAL A 312 11.16 -36.57 7.97
CA VAL A 312 11.68 -35.88 6.81
C VAL A 312 12.84 -34.97 7.18
N ALA A 313 12.69 -34.22 8.26
CA ALA A 313 13.60 -33.13 8.58
C ALA A 313 14.68 -33.52 9.57
N HIS A 314 14.49 -34.59 10.34
CA HIS A 314 15.38 -34.91 11.44
C HIS A 314 15.80 -36.37 11.49
N GLY A 315 15.03 -37.28 10.92
CA GLY A 315 15.32 -38.70 10.91
C GLY A 315 15.88 -39.19 9.60
N ASP A 316 15.53 -40.43 9.26
CA ASP A 316 16.12 -41.10 8.10
C ASP A 316 15.71 -40.46 6.77
N GLY A 317 14.70 -39.60 6.76
CA GLY A 317 14.34 -38.90 5.54
C GLY A 317 15.36 -37.88 5.09
N VAL A 318 16.21 -37.43 6.01
CA VAL A 318 17.18 -36.38 5.69
C VAL A 318 18.17 -36.88 4.64
N LYS A 319 18.76 -38.06 4.87
CA LYS A 319 19.72 -38.61 3.93
C LYS A 319 19.10 -38.78 2.56
N THR A 320 17.88 -39.34 2.50
CA THR A 320 17.19 -39.46 1.22
C THR A 320 17.06 -38.11 0.55
N HIS A 321 16.66 -37.08 1.31
CA HIS A 321 16.48 -35.75 0.75
C HIS A 321 17.77 -35.23 0.15
N VAL A 322 18.88 -35.31 0.90
CA VAL A 322 20.16 -34.85 0.40
C VAL A 322 20.58 -35.64 -0.83
N GLU A 323 20.34 -36.95 -0.82
CA GLU A 323 20.74 -37.80 -1.95
C GLU A 323 19.99 -37.46 -3.23
N THR A 324 18.80 -36.85 -3.13
CA THR A 324 18.08 -36.40 -4.32
C THR A 324 18.51 -35.01 -4.79
N GLY A 325 19.35 -34.32 -4.03
CA GLY A 325 19.91 -33.05 -4.46
C GLY A 325 19.53 -31.85 -3.62
N ALA A 326 18.73 -32.01 -2.57
CA ALA A 326 18.43 -30.89 -1.69
C ALA A 326 19.69 -30.41 -0.99
N PHE A 327 19.82 -29.11 -0.82
CA PHE A 327 20.94 -28.59 -0.04
C PHE A 327 20.61 -28.72 1.44
N PRO A 328 21.42 -29.40 2.23
CA PRO A 328 21.00 -29.77 3.59
C PRO A 328 20.90 -28.58 4.52
N ALA A 329 20.05 -28.73 5.53
CA ALA A 329 19.88 -27.73 6.58
C ALA A 329 20.51 -28.14 7.89
N ASP A 330 21.15 -29.31 7.96
CA ASP A 330 21.67 -29.85 9.20
C ASP A 330 23.19 -30.03 9.13
N LYS A 331 23.82 -30.02 10.31
CA LYS A 331 25.27 -30.07 10.39
C LYS A 331 25.83 -31.38 9.86
N ALA A 332 25.21 -32.50 10.25
CA ALA A 332 25.78 -33.80 9.93
C ALA A 332 25.86 -34.02 8.42
N SER A 333 24.82 -33.63 7.69
CA SER A 333 24.82 -33.83 6.24
C SER A 333 26.00 -33.11 5.60
N LEU A 334 26.37 -31.94 6.13
CA LEU A 334 27.46 -31.17 5.53
C LEU A 334 28.79 -31.91 5.61
N GLU A 335 28.96 -32.75 6.63
CA GLU A 335 30.20 -33.50 6.82
C GLU A 335 30.08 -34.95 6.38
N ALA A 336 28.93 -35.35 5.85
CA ALA A 336 28.75 -36.72 5.39
C ALA A 336 29.67 -37.00 4.21
N ASP A 337 30.17 -38.25 4.15
CA ASP A 337 31.11 -38.61 3.09
C ASP A 337 30.42 -38.75 1.74
N TYR A 338 29.10 -38.94 1.72
CA TYR A 338 28.34 -38.94 0.48
C TYR A 338 27.92 -37.54 0.03
N PHE A 339 28.45 -36.49 0.68
CA PHE A 339 28.10 -35.12 0.34
C PHE A 339 29.36 -34.26 0.19
N LYS A 340 30.23 -34.28 1.20
CA LYS A 340 31.34 -33.34 1.26
C LYS A 340 32.37 -33.56 0.16
N ASN A 341 32.48 -34.78 -0.36
CA ASN A 341 33.51 -35.10 -1.35
C ASN A 341 33.02 -35.02 -2.78
N ALA A 342 31.82 -34.49 -2.99
CA ALA A 342 31.29 -34.35 -4.35
C ALA A 342 32.17 -33.41 -5.17
N THR A 343 32.47 -33.82 -6.41
CA THR A 343 33.06 -32.94 -7.40
C THR A 343 32.25 -32.93 -8.68
N THR A 344 31.04 -33.49 -8.66
CA THR A 344 30.13 -33.49 -9.79
C THR A 344 28.73 -33.18 -9.29
N ILE A 345 27.87 -32.77 -10.22
CA ILE A 345 26.46 -32.52 -9.96
C ILE A 345 25.66 -33.34 -10.95
N LYS A 346 24.65 -34.05 -10.46
CA LYS A 346 23.77 -34.81 -11.34
C LYS A 346 22.75 -33.87 -11.98
N ASN A 347 22.64 -33.95 -13.30
CA ASN A 347 21.62 -33.18 -14.01
C ASN A 347 20.29 -33.91 -13.92
N SER A 348 19.25 -33.30 -14.50
CA SER A 348 17.90 -33.84 -14.37
C SER A 348 17.78 -35.25 -14.95
N ASP A 349 18.75 -35.67 -15.75
CA ASP A 349 18.74 -37.02 -16.33
C ASP A 349 19.54 -38.02 -15.51
N GLY A 350 20.19 -37.60 -14.44
CA GLY A 350 21.02 -38.47 -13.64
C GLY A 350 22.48 -38.49 -14.04
N LYS A 351 22.87 -37.73 -15.06
CA LYS A 351 24.25 -37.71 -15.52
C LYS A 351 25.09 -36.79 -14.66
N GLU A 352 26.23 -37.28 -14.19
CA GLU A 352 27.12 -36.49 -13.34
C GLU A 352 27.90 -35.49 -14.20
N ILE A 353 27.78 -34.21 -13.86
CA ILE A 353 28.46 -33.13 -14.60
C ILE A 353 29.51 -32.52 -13.67
N ASP A 354 30.73 -32.41 -14.18
CA ASP A 354 31.83 -31.74 -13.46
C ASP A 354 31.75 -30.25 -13.75
N TYR A 355 30.79 -29.58 -13.09
CA TYR A 355 30.48 -28.20 -13.44
C TYR A 355 31.52 -27.22 -12.92
N PHE A 356 32.16 -27.51 -11.80
CA PHE A 356 33.11 -26.59 -11.18
C PHE A 356 34.55 -27.04 -11.34
N GLY A 357 34.85 -27.76 -12.43
CA GLY A 357 36.22 -28.10 -12.76
C GLY A 357 36.96 -28.87 -11.70
N GLY A 358 36.30 -29.82 -11.04
CA GLY A 358 36.93 -30.65 -10.05
C GLY A 358 36.87 -30.13 -8.63
N GLN A 359 36.47 -28.88 -8.43
CA GLN A 359 36.37 -28.32 -7.09
C GLN A 359 35.43 -29.15 -6.22
N LYS A 360 35.81 -29.33 -4.95
CA LYS A 360 34.92 -29.89 -3.93
C LYS A 360 34.01 -28.76 -3.47
N TYR A 361 32.96 -28.51 -4.26
CA TYR A 361 32.14 -27.31 -4.05
C TYR A 361 31.37 -27.36 -2.73
N ASN A 362 31.04 -28.57 -2.24
CA ASN A 362 30.27 -28.65 -1.01
C ASN A 362 31.10 -28.33 0.22
N GLU A 363 32.43 -28.33 0.11
CA GLU A 363 33.25 -27.91 1.24
C GLU A 363 33.13 -26.40 1.44
N VAL A 364 33.09 -25.64 0.35
CA VAL A 364 32.88 -24.20 0.47
C VAL A 364 31.47 -23.91 0.98
N LEU A 365 30.47 -24.57 0.38
CA LEU A 365 29.09 -24.32 0.79
C LEU A 365 28.85 -24.76 2.24
N ALA A 366 29.58 -25.76 2.71
CA ALA A 366 29.49 -26.14 4.11
C ALA A 366 30.01 -25.02 5.00
N GLN A 367 31.13 -24.40 4.63
CA GLN A 367 31.62 -23.25 5.39
C GLN A 367 30.66 -22.08 5.31
N ALA A 368 30.07 -21.85 4.13
CA ALA A 368 29.06 -20.81 3.99
C ALA A 368 27.92 -21.00 4.98
N SER A 369 27.55 -22.26 5.26
CA SER A 369 26.50 -22.53 6.23
C SER A 369 26.93 -22.11 7.63
N ALA A 370 28.18 -22.40 8.00
CA ALA A 370 28.64 -22.12 9.35
C ALA A 370 28.70 -20.62 9.61
N ASP A 371 28.87 -19.80 8.58
CA ASP A 371 29.10 -18.37 8.74
C ASP A 371 27.82 -17.56 8.89
N VAL A 372 26.65 -18.16 8.66
CA VAL A 372 25.41 -17.39 8.62
C VAL A 372 25.15 -16.74 9.97
N LEU A 373 24.82 -15.45 9.95
CA LEU A 373 24.42 -14.74 11.15
C LEU A 373 23.03 -15.17 11.58
N THR A 374 22.76 -15.09 12.88
CA THR A 374 21.54 -15.65 13.46
C THR A 374 20.61 -14.59 14.06
N GLY A 375 20.85 -13.31 13.80
CA GLY A 375 20.04 -12.24 14.35
C GLY A 375 19.09 -11.57 13.38
N TYR A 376 18.96 -12.05 12.16
CA TYR A 376 18.06 -11.43 11.20
C TYR A 376 16.63 -11.93 11.39
N GLN A 377 15.68 -11.02 11.29
CA GLN A 377 14.27 -11.34 11.44
C GLN A 377 13.49 -10.96 10.19
N PHE A 378 12.47 -11.76 9.89
CA PHE A 378 11.56 -11.47 8.80
C PHE A 378 10.33 -10.73 9.34
N LEU A 379 9.67 -10.02 8.43
CA LEU A 379 8.43 -9.34 8.78
C LEU A 379 7.30 -10.35 8.95
N PRO A 380 6.24 -9.98 9.68
CA PRO A 380 5.03 -10.80 9.68
C PRO A 380 4.27 -10.78 8.36
N PHE A 381 4.68 -9.94 7.41
CA PHE A 381 4.00 -9.83 6.12
C PHE A 381 5.04 -9.69 5.01
N GLU A 382 5.95 -10.67 4.94
CA GLU A 382 7.02 -10.64 3.94
C GLU A 382 6.46 -10.77 2.53
N VAL A 383 5.43 -11.60 2.35
CA VAL A 383 4.88 -11.78 1.01
C VAL A 383 4.40 -10.45 0.45
N LYS A 384 3.66 -9.68 1.27
CA LYS A 384 3.25 -8.33 0.86
C LYS A 384 4.47 -7.44 0.64
N ALA A 385 5.40 -7.42 1.60
CA ALA A 385 6.54 -6.52 1.52
C ALA A 385 7.37 -6.78 0.27
N ARG A 386 7.66 -8.05 -0.01
CA ARG A 386 8.51 -8.37 -1.15
C ARG A 386 7.80 -8.12 -2.48
N GLY A 387 6.47 -8.21 -2.49
CA GLY A 387 5.73 -7.98 -3.71
C GLY A 387 5.75 -6.53 -4.18
N VAL A 388 5.82 -5.60 -3.23
CA VAL A 388 5.83 -4.17 -3.58
C VAL A 388 7.23 -3.57 -3.59
N PHE A 389 8.25 -4.33 -3.19
CA PHE A 389 9.62 -3.85 -3.23
C PHE A 389 9.95 -3.20 -4.57
N GLY A 390 9.58 -3.85 -5.66
CA GLY A 390 9.90 -3.34 -6.98
C GLY A 390 9.20 -2.02 -7.29
N ASP A 391 8.05 -1.79 -6.68
CA ASP A 391 7.33 -0.54 -6.89
C ASP A 391 8.12 0.66 -6.41
N TYR A 392 9.05 0.47 -5.47
CA TYR A 392 9.79 1.58 -4.88
C TYR A 392 11.26 1.61 -5.25
N LEU A 393 11.88 0.46 -5.51
CA LEU A 393 13.30 0.40 -5.83
C LEU A 393 13.56 0.27 -7.33
N GLY A 394 12.54 -0.01 -8.14
CA GLY A 394 12.76 -0.14 -9.56
C GLY A 394 13.43 1.08 -10.17
N LYS A 395 13.04 2.27 -9.73
CA LYS A 395 13.63 3.50 -10.26
C LYS A 395 15.12 3.61 -9.95
N SER A 396 15.60 2.92 -8.92
CA SER A 396 17.04 2.91 -8.65
C SER A 396 17.81 2.09 -9.66
N TYR A 397 17.13 1.27 -10.46
CA TYR A 397 17.78 0.43 -11.47
C TYR A 397 17.50 0.88 -12.89
N THR A 398 16.29 1.35 -13.18
CA THR A 398 15.99 1.97 -14.47
C THR A 398 16.35 3.44 -14.50
N GLY A 399 16.59 4.06 -13.35
CA GLY A 399 16.91 5.47 -13.28
C GLY A 399 18.03 5.77 -12.30
N ASN A 400 18.02 6.98 -11.76
CA ASN A 400 19.09 7.45 -10.87
C ASN A 400 18.63 7.62 -9.44
N GLN A 401 17.43 7.18 -9.10
CA GLN A 401 16.96 7.22 -7.72
C GLN A 401 17.96 6.53 -6.80
N PRO A 402 18.47 7.21 -5.78
CA PRO A 402 19.33 6.50 -4.82
C PRO A 402 18.56 5.39 -4.12
N LEU A 403 19.22 4.25 -3.93
CA LEU A 403 18.59 3.14 -3.23
C LEU A 403 17.97 3.61 -1.92
N SER A 404 18.69 4.44 -1.16
CA SER A 404 18.20 4.90 0.13
C SER A 404 16.84 5.59 0.00
N GLU A 405 16.64 6.33 -1.10
CA GLU A 405 15.37 7.01 -1.31
C GLU A 405 14.25 6.02 -1.58
N GLY A 406 14.49 5.03 -2.42
CA GLY A 406 13.49 4.01 -2.64
C GLY A 406 13.17 3.25 -1.36
N VAL A 407 14.20 2.91 -0.59
CA VAL A 407 14.01 2.16 0.65
C VAL A 407 13.18 2.96 1.64
N ALA A 408 13.32 4.29 1.66
CA ALA A 408 12.50 5.10 2.56
C ALA A 408 11.03 5.04 2.17
N ALA A 409 10.74 5.11 0.87
CA ALA A 409 9.35 4.99 0.43
C ALA A 409 8.81 3.60 0.73
N TRP A 410 9.62 2.57 0.49
CA TRP A 410 9.22 1.20 0.84
C TRP A 410 8.84 1.12 2.31
N GLN A 411 9.70 1.64 3.20
CA GLN A 411 9.42 1.60 4.63
C GLN A 411 8.07 2.24 4.95
N LYS A 412 7.78 3.39 4.33
CA LYS A 412 6.53 4.08 4.59
C LYS A 412 5.34 3.18 4.29
N ALA A 413 5.37 2.51 3.14
CA ALA A 413 4.26 1.65 2.77
C ALA A 413 4.13 0.46 3.72
N LEU A 414 5.27 -0.10 4.16
CA LEU A 414 5.22 -1.25 5.05
C LEU A 414 4.67 -0.86 6.41
N ILE A 415 5.04 0.32 6.91
CA ILE A 415 4.52 0.79 8.19
C ILE A 415 3.02 1.01 8.12
N ASP A 416 2.54 1.63 7.04
CA ASP A 416 1.10 1.83 6.88
C ASP A 416 0.38 0.49 6.77
N TYR A 417 0.93 -0.45 6.01
CA TYR A 417 0.32 -1.77 5.91
C TYR A 417 0.32 -2.48 7.26
N GLY A 418 1.43 -2.41 7.98
CA GLY A 418 1.50 -3.00 9.29
C GLY A 418 0.41 -2.51 10.23
N LYS A 419 0.21 -1.18 10.28
CA LYS A 419 -0.83 -0.63 11.14
C LYS A 419 -2.20 -1.18 10.76
N GLU A 420 -2.47 -1.29 9.47
CA GLU A 420 -3.77 -1.80 9.02
C GLU A 420 -3.99 -3.26 9.42
N GLN A 421 -2.91 -4.01 9.65
CA GLN A 421 -3.03 -5.42 10.02
C GLN A 421 -3.18 -5.62 11.53
N GLY A 422 -3.02 -4.57 12.33
CA GLY A 422 -3.18 -4.67 13.77
C GLY A 422 -1.92 -4.55 14.58
N PHE A 423 -0.75 -4.46 13.95
CA PHE A 423 0.50 -4.36 14.68
C PHE A 423 0.72 -2.94 15.18
N THR A 424 1.41 -2.83 16.31
CA THR A 424 1.88 -1.54 16.82
C THR A 424 3.20 -1.24 16.14
N LYS A 426 6.55 0.72 15.06
CA LYS A 426 7.57 1.70 15.43
C LYS A 426 8.49 1.91 14.23
N GLU A 427 9.08 3.10 14.15
CA GLU A 427 9.86 3.50 12.98
C GLU A 427 11.36 3.36 13.22
N GLY B 11 -26.55 -6.45 8.29
CA GLY B 11 -27.93 -6.75 8.63
C GLY B 11 -28.54 -5.71 9.56
N GLN B 12 -29.81 -5.38 9.34
CA GLN B 12 -30.50 -4.39 10.15
C GLN B 12 -31.06 -5.06 11.40
N PRO B 13 -30.71 -4.59 12.60
CA PRO B 13 -31.22 -5.24 13.82
C PRO B 13 -32.72 -5.02 14.01
N SER B 14 -33.29 -5.62 15.04
CA SER B 14 -34.67 -5.32 15.40
C SER B 14 -34.79 -3.89 15.89
N GLN B 15 -35.94 -3.30 15.66
CA GLN B 15 -36.16 -1.88 15.91
C GLN B 15 -36.75 -1.65 17.29
N GLU B 16 -36.11 -0.78 18.07
CA GLU B 16 -36.67 -0.37 19.35
C GLU B 16 -38.05 0.26 19.12
N SER B 17 -38.88 0.19 20.16
CA SER B 17 -40.32 0.38 20.00
C SER B 17 -40.80 1.80 20.24
N ASN B 18 -40.34 2.43 21.33
CA ASN B 18 -40.87 3.74 21.77
C ASN B 18 -39.69 4.70 21.89
N VAL B 19 -39.12 5.09 20.75
CA VAL B 19 -37.85 5.79 20.74
C VAL B 19 -38.02 7.19 21.32
N LYS B 20 -37.13 7.54 22.25
CA LYS B 20 -37.13 8.85 22.87
C LYS B 20 -35.88 9.67 22.58
N GLU B 21 -34.82 9.07 22.03
CA GLU B 21 -33.61 9.81 21.72
C GLU B 21 -32.81 9.05 20.67
N ILE B 22 -31.98 9.80 19.94
CA ILE B 22 -31.09 9.24 18.93
C ILE B 22 -29.70 9.79 19.18
N ASP B 23 -28.72 9.11 18.60
CA ASP B 23 -27.32 9.51 18.66
C ASP B 23 -26.87 9.93 17.28
N VAL B 24 -26.24 11.10 17.18
CA VAL B 24 -25.81 11.68 15.92
C VAL B 24 -24.34 12.05 16.03
N TRP B 25 -23.56 11.68 15.02
CA TRP B 25 -22.18 12.12 14.89
C TRP B 25 -22.08 13.06 13.71
N ALA B 26 -21.54 14.26 13.94
CA ALA B 26 -21.37 15.23 12.87
C ALA B 26 -20.43 16.32 13.35
N TRP B 27 -19.58 16.81 12.45
CA TRP B 27 -18.66 17.89 12.78
C TRP B 27 -19.20 19.26 12.40
N ASP B 28 -20.29 19.33 11.65
CA ASP B 28 -20.90 20.61 11.31
C ASP B 28 -21.41 21.29 12.57
N PRO B 29 -20.86 22.43 12.98
CA PRO B 29 -21.26 23.01 14.27
C PRO B 29 -22.65 23.62 14.27
N SER B 30 -23.19 23.99 13.11
CA SER B 30 -24.54 24.56 13.06
C SER B 30 -25.61 23.52 13.36
N LEU B 31 -25.27 22.22 13.36
CA LEU B 31 -26.26 21.20 13.67
C LEU B 31 -26.65 21.21 15.14
N LYS B 32 -25.82 21.78 16.02
CA LYS B 32 -26.20 21.93 17.41
C LYS B 32 -27.53 22.67 17.54
N GLN B 33 -27.64 23.83 16.89
N GLN B 33 -27.63 23.83 16.89
CA GLN B 33 -28.87 24.60 16.96
CA GLN B 33 -28.86 24.62 16.94
C GLN B 33 -30.02 23.87 16.29
C GLN B 33 -30.02 23.87 16.30
N ILE B 34 -29.77 23.23 15.16
CA ILE B 34 -30.84 22.55 14.43
C ILE B 34 -31.33 21.34 15.23
N ALA B 35 -30.41 20.61 15.85
CA ALA B 35 -30.83 19.50 16.71
C ALA B 35 -31.70 20.00 17.86
N ALA B 36 -31.33 21.13 18.46
CA ALA B 36 -32.13 21.69 19.54
C ALA B 36 -33.51 22.10 19.04
N ASP B 37 -33.58 22.73 17.87
CA ASP B 37 -34.87 23.03 17.27
C ASP B 37 -35.69 21.77 17.05
N TYR B 38 -35.04 20.70 16.58
CA TYR B 38 -35.74 19.44 16.40
C TYR B 38 -36.31 18.92 17.71
N GLU B 39 -35.53 19.00 18.79
CA GLU B 39 -36.02 18.56 20.10
C GLU B 39 -37.26 19.34 20.52
N LYS B 40 -37.26 20.66 20.29
CA LYS B 40 -38.42 21.47 20.65
C LYS B 40 -39.64 21.06 19.85
N LYS B 41 -39.47 20.78 18.56
CA LYS B 41 -40.60 20.44 17.70
C LYS B 41 -41.17 19.06 18.02
N THR B 42 -40.31 18.08 18.28
CA THR B 42 -40.72 16.69 18.33
C THR B 42 -40.66 16.05 19.71
N GLY B 43 -39.93 16.64 20.65
CA GLY B 43 -39.73 16.02 21.94
C GLY B 43 -38.72 14.88 21.95
N ILE B 44 -38.15 14.54 20.79
CA ILE B 44 -37.09 13.54 20.73
C ILE B 44 -35.77 14.21 21.07
N LYS B 45 -35.01 13.62 21.99
CA LYS B 45 -33.71 14.16 22.35
C LYS B 45 -32.67 13.73 21.31
N VAL B 46 -31.80 14.66 20.94
CA VAL B 46 -30.77 14.43 19.95
C VAL B 46 -29.42 14.54 20.65
N ASN B 47 -28.76 13.40 20.87
CA ASN B 47 -27.44 13.37 21.49
C ASN B 47 -26.41 13.56 20.38
N LEU B 48 -26.08 14.81 20.11
CA LEU B 48 -25.18 15.16 19.01
C LEU B 48 -23.75 15.22 19.53
N LYS B 49 -22.87 14.45 18.90
CA LYS B 49 -21.45 14.42 19.25
C LYS B 49 -20.63 14.82 18.05
N ASN B 50 -19.74 15.80 18.23
CA ASN B 50 -18.67 16.05 17.28
C ASN B 50 -17.50 15.17 17.70
N VAL B 51 -17.44 13.96 17.12
CA VAL B 51 -16.42 12.99 17.50
C VAL B 51 -15.18 13.16 16.64
N GLY B 52 -15.10 14.30 15.94
CA GLY B 52 -13.95 14.61 15.13
C GLY B 52 -14.33 15.14 13.77
N THR B 53 -13.43 15.89 13.15
CA THR B 53 -13.62 16.37 11.78
C THR B 53 -13.68 15.16 10.84
N ASN B 54 -13.81 15.41 9.53
CA ASN B 54 -14.24 14.36 8.60
C ASN B 54 -13.48 13.04 8.80
N THR B 55 -12.17 13.03 8.60
CA THR B 55 -11.45 11.75 8.64
C THR B 55 -11.39 11.16 10.05
N LYS B 56 -11.35 12.00 11.08
CA LYS B 56 -11.45 11.49 12.44
C LYS B 56 -12.78 10.77 12.65
N GLU B 57 -13.87 11.30 12.09
CA GLU B 57 -15.16 10.64 12.25
C GLU B 57 -15.18 9.32 11.49
N TYR B 58 -14.66 9.29 10.27
CA TYR B 58 -14.65 8.05 9.50
C TYR B 58 -13.86 6.97 10.22
N THR B 59 -12.81 7.36 10.96
CA THR B 59 -12.07 6.39 11.76
C THR B 59 -12.94 5.86 12.91
N GLN B 60 -13.70 6.74 13.56
CA GLN B 60 -14.60 6.30 14.61
C GLN B 60 -15.71 5.41 14.05
N LEU B 61 -16.25 5.78 12.88
CA LEU B 61 -17.25 4.93 12.24
C LEU B 61 -16.66 3.57 11.89
N ASP B 62 -15.46 3.55 11.33
CA ASP B 62 -14.84 2.27 10.96
C ASP B 62 -14.64 1.38 12.18
N ASN B 63 -14.18 1.96 13.30
CA ASN B 63 -13.97 1.17 14.51
C ASN B 63 -15.30 0.61 15.03
N ALA B 64 -16.35 1.43 15.03
CA ALA B 64 -17.65 0.96 15.49
C ALA B 64 -18.23 -0.09 14.55
N ILE B 65 -18.02 0.08 13.24
CA ILE B 65 -18.47 -0.92 12.28
C ILE B 65 -17.76 -2.24 12.51
N GLU B 66 -16.43 -2.20 12.59
CA GLU B 66 -15.65 -3.40 12.84
C GLU B 66 -16.09 -4.08 14.13
N ALA B 67 -16.25 -3.30 15.20
CA ALA B 67 -16.63 -3.86 16.49
C ALA B 67 -18.09 -4.32 16.52
N GLY B 68 -18.93 -3.81 15.62
CA GLY B 68 -20.33 -4.19 15.60
C GLY B 68 -21.19 -3.51 16.63
N SER B 69 -20.64 -2.58 17.41
CA SER B 69 -21.44 -1.82 18.35
C SER B 69 -20.80 -0.46 18.56
N GLY B 70 -21.57 0.47 19.13
CA GLY B 70 -21.10 1.80 19.42
C GLY B 70 -21.31 2.82 18.31
N ALA B 71 -21.85 2.41 17.17
CA ALA B 71 -22.09 3.33 16.08
C ALA B 71 -23.30 4.22 16.37
N PRO B 72 -23.33 5.42 15.81
CA PRO B 72 -24.49 6.28 16.00
C PRO B 72 -25.65 5.83 15.12
N ASP B 73 -26.81 6.44 15.36
CA ASP B 73 -27.95 6.22 14.48
C ASP B 73 -27.83 7.03 13.20
N VAL B 74 -27.16 8.19 13.28
CA VAL B 74 -26.99 9.09 12.14
C VAL B 74 -25.55 9.56 12.12
N ALA B 75 -24.97 9.68 10.93
CA ALA B 75 -23.63 10.22 10.79
C ALA B 75 -23.57 11.18 9.60
N GLN B 76 -22.75 12.21 9.74
CA GLN B 76 -22.45 13.11 8.64
C GLN B 76 -21.36 12.48 7.77
N ILE B 77 -21.64 12.34 6.48
CA ILE B 77 -20.72 11.67 5.57
C ILE B 77 -20.61 12.49 4.29
N GLU B 78 -19.39 12.87 3.92
CA GLU B 78 -19.17 13.59 2.68
C GLU B 78 -19.47 12.69 1.49
N TYR B 79 -19.91 13.31 0.39
CA TYR B 79 -20.32 12.55 -0.78
C TYR B 79 -19.24 11.60 -1.24
N TYR B 80 -17.97 12.01 -1.16
CA TYR B 80 -16.90 11.17 -1.68
C TYR B 80 -16.70 9.90 -0.85
N ALA B 81 -17.19 9.88 0.39
CA ALA B 81 -17.06 8.71 1.26
C ALA B 81 -18.33 7.87 1.34
N LEU B 82 -19.43 8.32 0.77
CA LEU B 82 -20.67 7.55 0.83
C LEU B 82 -20.53 6.18 0.18
N PRO B 83 -19.97 6.04 -1.03
CA PRO B 83 -19.90 4.70 -1.64
C PRO B 83 -19.14 3.70 -0.79
N GLN B 84 -18.08 4.15 -0.11
CA GLN B 84 -17.32 3.28 0.76
C GLN B 84 -18.20 2.64 1.83
N TYR B 85 -19.14 3.40 2.37
CA TYR B 85 -20.02 2.87 3.41
C TYR B 85 -21.28 2.24 2.85
N ALA B 86 -21.82 2.78 1.75
CA ALA B 86 -23.01 2.20 1.14
C ALA B 86 -22.71 0.82 0.58
N ILE B 87 -21.63 0.69 -0.18
CA ILE B 87 -21.34 -0.57 -0.87
C ILE B 87 -21.05 -1.68 0.12
N LYS B 88 -20.38 -1.36 1.23
CA LYS B 88 -20.10 -2.33 2.27
C LYS B 88 -21.32 -2.64 3.14
N GLY B 89 -22.46 -2.05 2.84
CA GLY B 89 -23.69 -2.38 3.55
C GLY B 89 -23.85 -1.73 4.91
N ASN B 90 -23.15 -0.63 5.18
CA ASN B 90 -23.22 -0.01 6.49
C ASN B 90 -24.25 1.12 6.57
N LEU B 91 -24.82 1.55 5.44
CA LEU B 91 -25.82 2.60 5.43
C LEU B 91 -27.18 2.03 5.08
N LEU B 92 -28.21 2.57 5.73
CA LEU B 92 -29.58 2.14 5.49
C LEU B 92 -30.08 2.66 4.16
N ASP B 93 -30.65 1.77 3.35
CA ASP B 93 -31.34 2.17 2.13
C ASP B 93 -32.65 2.84 2.50
N ILE B 94 -32.78 4.13 2.17
CA ILE B 94 -33.93 4.93 2.54
C ILE B 94 -34.74 5.34 1.31
N THR B 95 -34.62 4.58 0.21
CA THR B 95 -35.28 4.97 -1.04
C THR B 95 -36.79 5.06 -0.85
N ASP B 96 -37.37 4.14 -0.08
CA ASP B 96 -38.83 4.09 0.04
C ASP B 96 -39.39 5.23 0.87
N LYS B 97 -38.59 5.81 1.77
CA LYS B 97 -39.00 6.98 2.53
C LYS B 97 -38.77 8.28 1.78
N THR B 98 -38.39 8.19 0.50
CA THR B 98 -37.77 9.30 -0.22
C THR B 98 -38.57 9.71 -1.45
N SER B 99 -39.75 9.15 -1.65
CA SER B 99 -40.50 9.36 -2.89
C SER B 99 -40.70 10.85 -3.17
N GLY B 100 -40.33 11.27 -4.38
CA GLY B 100 -40.56 12.63 -4.82
C GLY B 100 -39.46 13.61 -4.48
N TYR B 101 -38.45 13.21 -3.72
CA TYR B 101 -37.40 14.14 -3.32
C TYR B 101 -36.57 14.64 -4.50
N GLU B 102 -36.63 13.95 -5.65
CA GLU B 102 -35.92 14.44 -6.83
C GLU B 102 -36.45 15.81 -7.24
N ASP B 103 -37.71 16.11 -6.92
CA ASP B 103 -38.27 17.42 -7.19
C ASP B 103 -37.74 18.48 -6.23
N PHE B 104 -37.22 18.06 -5.08
CA PHE B 104 -36.74 19.00 -4.07
C PHE B 104 -35.26 19.35 -4.25
N TYR B 105 -34.42 18.35 -4.51
CA TYR B 105 -32.98 18.53 -4.51
C TYR B 105 -32.46 18.88 -5.90
N ASN B 106 -31.34 19.58 -5.92
CA ASN B 106 -30.64 19.81 -7.18
C ASN B 106 -30.16 18.47 -7.72
N PRO B 107 -30.18 18.26 -9.04
CA PRO B 107 -29.87 16.92 -9.57
C PRO B 107 -28.47 16.43 -9.20
N GLY B 108 -27.51 17.33 -9.02
CA GLY B 108 -26.16 16.94 -8.67
C GLY B 108 -26.11 16.20 -7.35
N PRO B 109 -26.37 16.92 -6.26
CA PRO B 109 -26.37 16.25 -4.94
C PRO B 109 -27.34 15.07 -4.85
N TRP B 110 -28.48 15.12 -5.54
CA TRP B 110 -29.40 14.00 -5.50
C TRP B 110 -28.78 12.75 -6.10
N SER B 111 -27.95 12.91 -7.14
CA SER B 111 -27.26 11.77 -7.71
C SER B 111 -26.16 11.27 -6.80
N SER B 112 -25.55 12.17 -6.02
CA SER B 112 -24.41 11.80 -5.18
C SER B 112 -24.79 10.93 -4.00
N VAL B 113 -26.06 10.94 -3.59
CA VAL B 113 -26.51 10.12 -2.46
C VAL B 113 -27.12 8.80 -2.93
N GLN B 114 -27.05 8.50 -4.21
CA GLN B 114 -27.63 7.29 -4.77
C GLN B 114 -26.52 6.37 -5.28
N ILE B 115 -26.66 5.08 -4.98
CA ILE B 115 -25.76 4.05 -5.48
C ILE B 115 -26.59 2.89 -5.99
N ASP B 116 -26.38 2.50 -7.24
CA ASP B 116 -27.10 1.38 -7.85
C ASP B 116 -28.60 1.53 -7.69
N GLY B 117 -29.09 2.77 -7.86
CA GLY B 117 -30.50 3.03 -7.83
C GLY B 117 -31.13 3.07 -6.45
N LYS B 118 -30.35 3.30 -5.40
CA LYS B 118 -30.85 3.34 -4.04
C LYS B 118 -30.30 4.56 -3.31
N VAL B 119 -31.16 5.20 -2.53
CA VAL B 119 -30.76 6.38 -1.75
C VAL B 119 -30.23 5.93 -0.41
N TYR B 120 -29.04 6.43 -0.05
CA TYR B 120 -28.39 6.06 1.21
C TYR B 120 -28.14 7.25 2.13
N ALA B 121 -28.50 8.47 1.72
CA ALA B 121 -28.34 9.64 2.56
C ALA B 121 -29.14 10.77 1.93
N LEU B 122 -29.26 11.87 2.68
CA LEU B 122 -29.85 13.09 2.16
C LEU B 122 -28.84 14.22 2.16
N PRO B 123 -28.78 15.02 1.10
CA PRO B 123 -27.83 16.16 1.09
C PRO B 123 -28.17 17.19 2.15
N ILE B 124 -27.13 17.70 2.82
CA ILE B 124 -27.29 18.84 3.72
C ILE B 124 -26.48 20.05 3.27
N ASP B 125 -25.55 19.91 2.33
CA ASP B 125 -24.79 21.03 1.79
C ASP B 125 -24.03 20.54 0.56
N ALA B 126 -23.60 21.49 -0.26
CA ALA B 126 -22.99 21.17 -1.54
C ALA B 126 -21.74 22.01 -1.75
N GLY B 127 -20.88 21.54 -2.66
CA GLY B 127 -19.59 22.16 -2.87
C GLY B 127 -19.20 22.29 -4.33
N PRO B 128 -20.07 22.89 -5.15
CA PRO B 128 -19.65 23.22 -6.51
C PRO B 128 -18.42 24.12 -6.47
N ALA B 130 -15.64 26.96 -7.48
CA ALA B 130 -15.60 28.30 -8.02
C ALA B 130 -14.18 28.84 -7.90
N PHE B 131 -13.93 29.96 -8.57
CA PHE B 131 -12.61 30.58 -8.66
C PHE B 131 -12.63 31.85 -7.80
N PHE B 132 -12.06 31.75 -6.61
CA PHE B 132 -11.95 32.88 -5.69
C PHE B 132 -10.58 33.52 -5.87
N TYR B 133 -10.56 34.84 -6.07
CA TYR B 133 -9.30 35.53 -6.33
C TYR B 133 -9.24 36.87 -5.62
N ASN B 134 -8.03 37.26 -5.24
CA ASN B 134 -7.75 38.54 -4.60
C ASN B 134 -7.60 39.58 -5.72
N LYS B 135 -8.65 40.36 -5.94
CA LYS B 135 -8.67 41.32 -7.05
C LYS B 135 -7.52 42.32 -6.95
N GLU B 136 -7.17 42.73 -5.73
CA GLU B 136 -6.09 43.70 -5.56
C GLU B 136 -4.78 43.16 -6.13
N ILE B 137 -4.46 41.89 -5.83
CA ILE B 137 -3.22 41.31 -6.32
C ILE B 137 -3.30 41.05 -7.82
N PHE B 138 -4.45 40.54 -8.29
CA PHE B 138 -4.60 40.29 -9.72
C PHE B 138 -4.50 41.59 -10.52
N ASP B 139 -5.16 42.65 -10.06
CA ASP B 139 -5.08 43.93 -10.76
C ASP B 139 -3.64 44.44 -10.78
N LYS B 140 -2.95 44.38 -9.63
CA LYS B 140 -1.56 44.82 -9.58
C LYS B 140 -0.68 44.03 -10.53
N ALA B 141 -0.97 42.75 -10.72
CA ALA B 141 -0.19 41.90 -11.62
C ALA B 141 -0.58 42.08 -13.09
N GLY B 142 -1.59 42.88 -13.38
CA GLY B 142 -2.04 43.05 -14.74
C GLY B 142 -2.98 41.96 -15.22
N VAL B 143 -3.72 41.34 -14.30
CA VAL B 143 -4.64 40.27 -14.63
C VAL B 143 -6.05 40.70 -14.24
N ASP B 144 -7.01 40.45 -15.13
CA ASP B 144 -8.43 40.63 -14.84
C ASP B 144 -9.00 39.26 -14.47
N GLY B 145 -9.30 39.07 -13.19
CA GLY B 145 -9.77 37.77 -12.74
C GLY B 145 -11.04 37.31 -13.45
N GLU B 146 -11.82 38.26 -13.95
CA GLU B 146 -13.06 37.94 -14.66
C GLU B 146 -12.82 37.40 -16.05
N LYS B 147 -11.60 37.50 -16.58
CA LYS B 147 -11.31 37.09 -17.95
C LYS B 147 -10.56 35.77 -18.04
N ILE B 148 -10.45 35.03 -16.93
CA ILE B 148 -9.72 33.77 -16.91
C ILE B 148 -10.75 32.67 -17.17
N LYS B 149 -10.95 32.36 -18.45
CA LYS B 149 -11.94 31.36 -18.85
C LYS B 149 -11.33 29.98 -19.07
N THR B 150 -10.09 29.90 -19.50
CA THR B 150 -9.44 28.63 -19.82
C THR B 150 -8.29 28.36 -18.84
N TRP B 151 -7.85 27.11 -18.84
CA TRP B 151 -6.68 26.75 -18.02
C TRP B 151 -5.43 27.47 -18.51
N ASP B 152 -5.31 27.71 -19.81
CA ASP B 152 -4.18 28.48 -20.31
C ASP B 152 -4.22 29.91 -19.78
N ASP B 153 -5.41 30.52 -19.74
CA ASP B 153 -5.55 31.83 -19.11
C ASP B 153 -5.01 31.79 -17.69
N TYR B 154 -5.27 30.72 -16.95
CA TYR B 154 -4.81 30.61 -15.57
C TYR B 154 -3.30 30.46 -15.51
N TYR B 155 -2.72 29.70 -16.44
CA TYR B 155 -1.26 29.58 -16.49
C TYR B 155 -0.62 30.94 -16.79
N GLU B 156 -1.17 31.66 -17.76
CA GLU B 156 -0.62 32.98 -18.09
C GLU B 156 -0.74 33.93 -16.90
N ALA B 157 -1.90 33.94 -16.23
CA ALA B 157 -2.05 34.75 -15.04
C ALA B 157 -1.05 34.34 -13.96
N ALA B 158 -0.77 33.04 -13.85
CA ALA B 158 0.18 32.57 -12.84
C ALA B 158 1.56 33.16 -13.05
N LYS B 159 2.00 33.27 -14.31
CA LYS B 159 3.29 33.88 -14.59
C LYS B 159 3.31 35.35 -14.16
N LYS B 160 2.20 36.06 -14.38
CA LYS B 160 2.16 37.47 -14.03
C LYS B 160 2.11 37.68 -12.53
N ILE B 161 1.39 36.81 -11.81
CA ILE B 161 1.31 36.94 -10.35
C ILE B 161 2.69 36.74 -9.73
N HIS B 162 3.39 35.67 -10.13
CA HIS B 162 4.70 35.38 -9.57
C HIS B 162 5.74 36.43 -9.95
N ALA B 163 5.53 37.15 -11.06
CA ALA B 163 6.43 38.23 -11.43
C ALA B 163 6.42 39.38 -10.43
N LEU B 164 5.37 39.48 -9.60
CA LEU B 164 5.37 40.50 -8.55
C LEU B 164 6.52 40.31 -7.59
N GLY B 165 6.96 39.08 -7.40
CA GLY B 165 8.04 38.77 -6.48
C GLY B 165 8.09 37.28 -6.19
N ASP B 166 9.25 36.83 -5.73
CA ASP B 166 9.45 35.41 -5.49
C ASP B 166 8.45 34.84 -4.50
N GLU B 167 7.92 35.68 -3.62
CA GLU B 167 7.04 35.23 -2.54
C GLU B 167 5.57 35.22 -2.93
N TYR B 168 5.24 35.59 -4.17
CA TYR B 168 3.84 35.72 -4.60
C TYR B 168 3.48 34.57 -5.55
N TYR B 169 2.33 33.95 -5.30
CA TYR B 169 1.89 32.81 -6.08
C TYR B 169 0.39 32.91 -6.32
N ILE B 170 -0.04 32.46 -7.50
CA ILE B 170 -1.46 32.51 -7.83
C ILE B 170 -2.28 31.68 -6.83
N THR B 171 -1.74 30.54 -6.40
CA THR B 171 -2.40 29.73 -5.38
C THR B 171 -1.36 28.80 -4.76
N SER B 172 -1.80 28.01 -3.78
CA SER B 172 -0.95 27.04 -3.12
C SER B 172 -1.52 25.64 -3.31
N ASP B 173 -0.63 24.66 -3.43
CA ASP B 173 -1.04 23.26 -3.48
C ASP B 173 0.18 22.42 -3.05
N SER B 174 0.14 21.91 -1.82
CA SER B 174 1.19 21.02 -1.34
C SER B 174 0.97 19.58 -1.77
N GLY B 175 -0.09 19.29 -2.51
CA GLY B 175 -0.37 17.94 -2.98
C GLY B 175 -1.68 17.43 -2.41
N ASP B 176 -2.77 18.13 -2.70
CA ASP B 176 -4.08 17.82 -2.12
C ASP B 176 -4.83 16.85 -3.03
N ALA B 177 -5.20 15.69 -2.49
CA ALA B 177 -5.82 14.65 -3.29
C ALA B 177 -7.22 15.05 -3.75
N GLY B 178 -8.01 15.62 -2.85
CA GLY B 178 -9.36 16.03 -3.23
C GLY B 178 -9.35 17.07 -4.34
N PHE B 179 -8.37 17.98 -4.30
CA PHE B 179 -8.24 18.94 -5.40
C PHE B 179 -7.95 18.22 -6.71
N PHE B 180 -6.97 17.31 -6.70
CA PHE B 180 -6.65 16.51 -7.89
C PHE B 180 -7.88 15.84 -8.48
N ASP B 181 -8.63 15.09 -7.65
CA ASP B 181 -9.81 14.39 -8.15
C ASP B 181 -10.83 15.37 -8.73
N SER B 182 -11.03 16.50 -8.05
CA SER B 182 -12.03 17.46 -8.51
C SER B 182 -11.69 18.02 -9.90
N THR B 184 -9.87 16.57 -12.26
CA THR B 184 -10.08 15.53 -13.26
C THR B 184 -11.55 15.40 -13.61
N TRP B 185 -12.41 15.47 -12.60
CA TRP B 185 -13.85 15.54 -12.81
C TRP B 185 -14.20 16.73 -13.70
N LEU B 186 -13.69 17.91 -13.36
CA LEU B 186 -14.00 19.10 -14.14
C LEU B 186 -13.56 18.95 -15.59
N ALA B 187 -12.47 18.24 -15.84
CA ALA B 187 -11.98 18.04 -17.20
C ALA B 187 -12.70 16.93 -17.94
N GLY B 188 -13.82 16.44 -17.43
CA GLY B 188 -14.55 15.37 -18.07
C GLY B 188 -14.01 13.98 -17.81
N GLY B 189 -13.13 13.81 -16.83
CA GLY B 189 -12.54 12.52 -16.59
C GLY B 189 -13.46 11.59 -15.82
N LYS B 190 -13.27 10.29 -16.05
CA LYS B 190 -14.01 9.23 -15.35
C LYS B 190 -13.07 8.06 -15.09
N PRO B 191 -12.03 8.28 -14.28
CA PRO B 191 -11.01 7.23 -14.11
C PRO B 191 -11.47 6.07 -13.24
N PHE B 192 -12.53 6.25 -12.46
CA PHE B 192 -13.03 5.21 -11.56
C PHE B 192 -14.40 4.75 -12.04
N GLN B 193 -14.59 3.44 -12.14
CA GLN B 193 -15.87 2.89 -12.54
C GLN B 193 -16.17 1.65 -11.73
N THR B 194 -17.38 1.57 -11.20
CA THR B 194 -17.80 0.48 -10.32
C THR B 194 -19.05 -0.16 -10.91
N THR B 195 -19.04 -1.50 -10.96
CA THR B 195 -20.14 -2.25 -11.54
C THR B 195 -20.40 -3.47 -10.66
N ASN B 196 -21.41 -4.25 -11.05
CA ASN B 196 -21.72 -5.52 -10.41
C ASN B 196 -21.97 -5.34 -8.91
N ASN B 197 -22.91 -4.46 -8.59
CA ASN B 197 -23.36 -4.27 -7.20
C ASN B 197 -22.21 -3.82 -6.29
N GLY B 198 -21.29 -3.03 -6.83
CA GLY B 198 -20.17 -2.52 -6.06
C GLY B 198 -18.97 -3.44 -5.96
N LYS B 199 -19.03 -4.64 -6.54
CA LYS B 199 -17.92 -5.59 -6.40
C LYS B 199 -16.80 -5.32 -7.40
N ASP B 200 -17.13 -4.89 -8.62
CA ASP B 200 -16.17 -4.80 -9.71
C ASP B 200 -15.77 -3.35 -9.90
N VAL B 201 -14.46 -3.08 -9.82
CA VAL B 201 -13.94 -1.72 -9.93
C VAL B 201 -12.85 -1.70 -10.99
N THR B 202 -12.95 -0.75 -11.92
CA THR B 202 -11.89 -0.45 -12.87
C THR B 202 -11.26 0.89 -12.50
N ILE B 203 -9.93 0.93 -12.54
CA ILE B 203 -9.17 2.14 -12.25
C ILE B 203 -8.31 2.43 -13.48
N ASN B 204 -8.61 3.52 -14.18
CA ASN B 204 -7.85 3.93 -15.36
C ASN B 204 -7.43 5.39 -15.20
N LEU B 205 -6.60 5.65 -14.17
CA LEU B 205 -6.07 6.99 -13.97
C LEU B 205 -5.07 7.34 -15.06
N THR B 206 -4.18 6.42 -15.41
CA THR B 206 -3.10 6.71 -16.35
C THR B 206 -3.61 6.90 -17.78
N GLY B 207 -4.78 6.37 -18.12
CA GLY B 207 -5.27 6.44 -19.48
C GLY B 207 -6.43 7.39 -19.68
N ASP B 208 -6.94 7.97 -18.60
CA ASP B 208 -8.14 8.79 -18.68
C ASP B 208 -7.79 10.18 -19.23
N ASN B 209 -8.58 10.65 -20.19
CA ASN B 209 -8.28 11.91 -20.84
C ASN B 209 -8.34 13.09 -19.88
N GLY B 210 -9.31 13.08 -18.96
CA GLY B 210 -9.43 14.16 -18.01
C GLY B 210 -8.24 14.24 -17.07
N VAL B 211 -7.78 13.09 -16.58
CA VAL B 211 -6.60 13.07 -15.72
C VAL B 211 -5.39 13.60 -16.47
N LYS B 212 -5.17 13.11 -17.70
CA LYS B 212 -4.03 13.55 -18.50
C LYS B 212 -4.11 15.04 -18.79
N GLU B 213 -5.31 15.55 -19.04
CA GLU B 213 -5.46 16.98 -19.29
C GLU B 213 -5.06 17.79 -18.06
N PHE B 214 -5.48 17.37 -16.87
CA PHE B 214 -5.10 18.10 -15.67
C PHE B 214 -3.62 17.92 -15.33
N GLU B 215 -3.08 16.72 -15.58
CA GLU B 215 -1.66 16.50 -15.35
C GLU B 215 -0.83 17.49 -16.17
N LYS B 216 -1.13 17.59 -17.47
CA LYS B 216 -0.38 18.49 -18.34
C LYS B 216 -0.47 19.93 -17.86
N PHE B 217 -1.65 20.34 -17.38
CA PHE B 217 -1.86 21.73 -16.96
C PHE B 217 -1.12 22.01 -15.66
N TRP B 218 -1.34 21.18 -14.63
CA TRP B 218 -0.71 21.41 -13.34
C TRP B 218 0.80 21.17 -13.40
N GLN B 219 1.25 20.25 -14.26
CA GLN B 219 2.68 20.02 -14.41
C GLN B 219 3.38 21.27 -14.92
N LYS B 220 2.74 22.00 -15.84
CA LYS B 220 3.34 23.22 -16.36
C LYS B 220 3.61 24.21 -15.24
N LEU B 221 2.62 24.41 -14.36
CA LEU B 221 2.80 25.35 -13.26
C LEU B 221 3.86 24.87 -12.28
N LEU B 222 3.87 23.57 -11.96
CA LEU B 222 4.90 23.03 -11.08
C LEU B 222 6.28 23.13 -11.71
N ASP B 223 6.39 22.81 -13.00
CA ASP B 223 7.69 22.84 -13.66
C ASP B 223 8.30 24.23 -13.64
N GLU B 224 7.47 25.27 -13.76
CA GLU B 224 7.94 26.65 -13.79
C GLU B 224 7.83 27.33 -12.43
N LYS B 225 7.64 26.55 -11.36
CA LYS B 225 7.68 27.06 -9.99
C LYS B 225 6.66 28.17 -9.77
N LEU B 226 5.47 28.02 -10.34
CA LEU B 226 4.43 29.03 -10.24
C LEU B 226 3.43 28.74 -9.13
N LEU B 227 3.56 27.62 -8.43
CA LEU B 227 2.69 27.29 -7.32
C LEU B 227 3.46 27.32 -6.00
N ASP B 228 2.79 27.75 -4.94
CA ASP B 228 3.30 27.64 -3.58
C ASP B 228 3.05 26.20 -3.13
N THR B 229 4.10 25.38 -3.16
CA THR B 229 4.01 23.98 -2.75
C THR B 229 4.43 23.76 -1.31
N LYS B 230 4.86 24.81 -0.60
CA LYS B 230 5.32 24.67 0.77
C LYS B 230 4.19 24.86 1.78
N THR B 231 3.33 25.85 1.58
CA THR B 231 2.21 26.08 2.47
C THR B 231 1.21 24.92 2.36
N VAL B 232 0.84 24.37 3.50
CA VAL B 232 -0.13 23.27 3.53
C VAL B 232 -1.51 23.85 3.78
N GLY B 233 -2.51 23.27 3.11
CA GLY B 233 -3.85 23.78 3.23
C GLY B 233 -4.37 23.69 4.65
N TRP B 234 -5.19 24.69 5.01
CA TRP B 234 -5.89 24.78 6.29
C TRP B 234 -4.96 25.04 7.46
N SER B 235 -3.68 25.32 7.20
CA SER B 235 -2.74 25.71 8.23
C SER B 235 -2.85 27.21 8.51
N GLU B 236 -2.20 27.63 9.59
CA GLU B 236 -2.15 29.06 9.91
C GLU B 236 -1.53 29.86 8.78
N ASP B 237 -0.43 29.36 8.21
CA ASP B 237 0.25 30.07 7.14
C ASP B 237 -0.61 30.16 5.89
N TRP B 238 -1.51 29.19 5.68
CA TRP B 238 -2.44 29.25 4.55
C TRP B 238 -3.31 30.49 4.65
N PHE B 239 -3.98 30.67 5.80
CA PHE B 239 -4.83 31.83 5.98
C PHE B 239 -4.03 33.14 6.03
N LYS B 240 -2.79 33.08 6.54
CA LYS B 240 -1.95 34.27 6.49
C LYS B 240 -1.61 34.63 5.05
N GLY B 241 -1.38 33.62 4.21
CA GLY B 241 -1.11 33.89 2.81
C GLY B 241 -2.29 34.50 2.09
N GLN B 243 -4.34 36.54 3.45
CA GLN B 243 -4.34 37.92 3.91
C GLN B 243 -3.09 38.67 3.48
N ASP B 244 -1.99 37.96 3.23
CA ASP B 244 -0.77 38.60 2.73
C ASP B 244 -0.95 39.09 1.30
N GLY B 245 -1.69 38.35 0.49
CA GLY B 245 -1.66 38.51 -0.94
C GLY B 245 -0.71 37.56 -1.64
N THR B 246 0.11 36.83 -0.90
CA THR B 246 1.05 35.89 -1.49
C THR B 246 0.37 34.60 -1.94
N ILE B 247 -0.80 34.28 -1.41
CA ILE B 247 -1.69 33.27 -1.96
C ILE B 247 -2.87 34.03 -2.57
N ALA B 248 -2.87 34.17 -3.89
CA ALA B 248 -3.72 35.16 -4.55
C ALA B 248 -5.07 34.62 -5.00
N SER B 249 -5.30 33.31 -4.93
CA SER B 249 -6.58 32.77 -5.36
C SER B 249 -6.75 31.36 -4.80
N LEU B 250 -7.97 30.84 -4.98
CA LEU B 250 -8.33 29.50 -4.55
C LEU B 250 -9.30 28.91 -5.55
N LEU B 251 -9.00 27.70 -6.02
CA LEU B 251 -9.91 26.91 -6.84
C LEU B 251 -10.47 25.82 -5.92
N THR B 252 -11.68 26.03 -5.42
CA THR B 252 -12.17 25.22 -4.31
C THR B 252 -13.69 25.31 -4.28
N GLY B 253 -14.28 24.68 -3.24
CA GLY B 253 -15.72 24.54 -3.19
C GLY B 253 -16.44 25.80 -2.77
N ALA B 254 -17.74 25.82 -3.05
CA ALA B 254 -18.56 27.00 -2.78
C ALA B 254 -18.69 27.32 -1.30
N TRP B 255 -18.24 26.42 -0.42
CA TRP B 255 -18.28 26.65 1.02
C TRP B 255 -17.16 27.57 1.51
N PRO B 257 -16.32 30.84 1.16
CA PRO B 257 -16.59 32.18 1.71
C PRO B 257 -16.69 32.22 3.23
N GLY B 258 -17.37 31.25 3.84
CA GLY B 258 -17.47 31.23 5.29
C GLY B 258 -16.12 31.14 5.97
N ASN B 259 -15.17 30.42 5.37
CA ASN B 259 -13.83 30.32 5.93
C ASN B 259 -13.03 31.58 5.66
N LEU B 260 -13.16 32.16 4.47
CA LEU B 260 -12.53 33.44 4.19
C LEU B 260 -12.92 34.49 5.22
N VAL B 261 -14.21 34.58 5.54
CA VAL B 261 -14.69 35.62 6.44
C VAL B 261 -14.12 35.45 7.84
N ASN B 262 -14.14 34.21 8.35
CA ASN B 262 -13.76 33.98 9.74
C ASN B 262 -12.26 33.82 9.93
N SER B 263 -11.55 33.23 8.96
CA SER B 263 -10.14 32.92 9.12
C SER B 263 -9.22 33.82 8.29
N ALA B 264 -9.75 34.60 7.36
CA ALA B 264 -8.97 35.60 6.63
C ALA B 264 -9.69 36.95 6.64
N PRO B 265 -10.04 37.45 7.83
CA PRO B 265 -10.86 38.68 7.88
C PRO B 265 -10.16 39.92 7.36
N ALA B 266 -8.83 39.97 7.38
CA ALA B 266 -8.12 41.19 6.98
C ALA B 266 -8.25 41.47 5.49
N ALA B 267 -8.59 40.46 4.68
CA ALA B 267 -8.69 40.63 3.24
C ALA B 267 -10.10 40.98 2.77
N ALA B 268 -11.01 41.27 3.70
CA ALA B 268 -12.38 41.61 3.31
C ALA B 268 -12.38 42.79 2.36
N GLY B 269 -13.21 42.68 1.31
CA GLY B 269 -13.30 43.69 0.28
C GLY B 269 -12.38 43.45 -0.90
N LYS B 270 -11.30 42.72 -0.72
CA LYS B 270 -10.32 42.52 -1.77
C LYS B 270 -10.63 41.33 -2.67
N TRP B 271 -11.44 40.38 -2.21
CA TRP B 271 -11.67 39.15 -2.96
C TRP B 271 -12.92 39.25 -3.81
N ARG B 272 -12.94 38.46 -4.88
CA ARG B 272 -14.11 38.29 -5.74
C ARG B 272 -14.23 36.81 -6.04
N VAL B 273 -15.35 36.42 -6.65
CA VAL B 273 -15.56 35.05 -7.07
C VAL B 273 -15.94 35.04 -8.54
N ALA B 274 -15.48 34.01 -9.24
CA ALA B 274 -15.76 33.81 -10.65
C ALA B 274 -15.94 32.31 -10.91
N LEU B 275 -16.45 31.98 -12.08
CA LEU B 275 -16.62 30.59 -12.47
C LEU B 275 -15.26 29.93 -12.68
N PRO B 277 -12.24 28.27 -14.31
CA PRO B 277 -11.68 28.08 -15.65
C PRO B 277 -11.69 26.61 -16.02
N THR B 278 -11.91 26.35 -17.30
CA THR B 278 -12.02 25.00 -17.83
C THR B 278 -10.93 24.75 -18.87
N PRO B 279 -10.66 23.49 -19.20
CA PRO B 279 -9.56 23.21 -20.15
C PRO B 279 -9.63 24.01 -21.44
N ASN B 280 -10.80 24.13 -22.05
CA ASN B 280 -10.95 24.82 -23.32
C ASN B 280 -12.03 25.90 -23.28
N GLY B 281 -12.36 26.40 -22.10
CA GLY B 281 -13.43 27.36 -21.95
C GLY B 281 -14.82 26.77 -22.04
N GLU B 282 -14.95 25.44 -22.12
CA GLU B 282 -16.26 24.83 -22.22
C GLU B 282 -17.04 25.02 -20.92
N LYS B 283 -18.35 24.84 -21.01
CA LYS B 283 -19.21 24.82 -19.84
C LYS B 283 -18.97 23.52 -19.07
N ALA B 284 -18.38 23.62 -17.88
CA ALA B 284 -18.06 22.44 -17.10
C ALA B 284 -17.66 22.85 -15.70
N ASN B 285 -17.94 21.98 -14.73
CA ASN B 285 -17.53 22.20 -13.36
C ASN B 285 -17.54 20.86 -12.65
N ALA B 286 -17.00 20.86 -11.43
CA ALA B 286 -16.94 19.69 -10.58
C ALA B 286 -17.32 20.12 -9.18
N GLU B 287 -17.43 19.15 -8.28
CA GLU B 287 -17.66 19.43 -6.87
C GLU B 287 -16.39 19.13 -6.08
N ASN B 288 -16.24 19.84 -4.96
CA ASN B 288 -15.13 19.61 -4.03
C ASN B 288 -15.73 19.72 -2.64
N GLY B 289 -15.75 18.61 -1.91
CA GLY B 289 -16.42 18.59 -0.63
C GLY B 289 -17.92 18.49 -0.79
N GLY B 290 -18.63 18.84 0.29
CA GLY B 290 -20.06 18.65 0.37
C GLY B 290 -20.39 17.39 1.14
N SER B 291 -21.48 17.43 1.90
CA SER B 291 -21.76 16.32 2.79
C SER B 291 -23.26 16.08 2.92
N SER B 292 -23.57 14.94 3.53
CA SER B 292 -24.92 14.41 3.67
C SER B 292 -25.07 13.86 5.08
N LEU B 293 -26.31 13.51 5.42
CA LEU B 293 -26.60 12.76 6.64
C LEU B 293 -27.18 11.40 6.25
N ALA B 294 -26.65 10.34 6.84
CA ALA B 294 -27.07 8.99 6.53
C ALA B 294 -27.50 8.27 7.81
N VAL B 295 -28.46 7.38 7.66
CA VAL B 295 -28.87 6.49 8.74
C VAL B 295 -27.98 5.25 8.69
N LEU B 296 -27.34 4.92 9.80
CA LEU B 296 -26.56 3.69 9.89
C LEU B 296 -27.48 2.49 9.81
N LYS B 297 -27.10 1.49 9.01
CA LYS B 297 -27.91 0.29 8.90
C LYS B 297 -28.01 -0.41 10.25
N SER B 298 -26.99 -0.28 11.09
CA SER B 298 -26.98 -0.90 12.42
C SER B 298 -27.93 -0.22 13.40
N SER B 299 -28.68 0.78 12.99
CA SER B 299 -29.47 1.54 13.94
C SER B 299 -30.72 0.77 14.34
N PRO B 300 -30.99 0.60 15.65
CA PRO B 300 -32.30 0.13 16.07
C PRO B 300 -33.39 1.20 16.03
N LYS B 301 -33.04 2.41 15.59
CA LYS B 301 -33.94 3.55 15.60
C LYS B 301 -34.05 4.15 14.22
N ALA B 302 -34.21 3.29 13.20
CA ALA B 302 -34.12 3.75 11.82
C ALA B 302 -35.14 4.83 11.52
N GLN B 303 -36.39 4.63 11.94
CA GLN B 303 -37.43 5.60 11.62
C GLN B 303 -37.18 6.93 12.32
N ALA B 304 -36.80 6.88 13.61
CA ALA B 304 -36.52 8.12 14.33
C ALA B 304 -35.29 8.81 13.76
N ALA B 305 -34.30 8.02 13.32
CA ALA B 305 -33.11 8.59 12.70
C ALA B 305 -33.46 9.27 11.38
N TYR B 306 -34.30 8.62 10.56
CA TYR B 306 -34.69 9.25 9.30
C TYR B 306 -35.46 10.53 9.53
N ASP B 307 -36.38 10.53 10.50
CA ASP B 307 -37.18 11.72 10.77
C ASP B 307 -36.28 12.92 11.06
N PHE B 308 -35.18 12.70 11.79
CA PHE B 308 -34.26 13.78 12.09
C PHE B 308 -33.57 14.30 10.84
N ILE B 309 -33.01 13.39 10.03
CA ILE B 309 -32.31 13.86 8.83
C ILE B 309 -33.28 14.49 7.84
N GLU B 310 -34.53 14.01 7.81
CA GLU B 310 -35.53 14.66 6.96
C GLU B 310 -35.74 16.11 7.37
N TYR B 311 -35.80 16.36 8.69
CA TYR B 311 -35.97 17.74 9.16
C TYR B 311 -34.76 18.60 8.80
N VAL B 312 -33.56 18.06 8.95
CA VAL B 312 -32.35 18.82 8.69
C VAL B 312 -32.21 19.11 7.20
N ALA B 313 -32.43 18.09 6.37
CA ALA B 313 -32.06 18.15 4.96
C ALA B 313 -33.23 18.43 4.02
N HIS B 314 -34.46 18.29 4.49
CA HIS B 314 -35.62 18.41 3.61
C HIS B 314 -36.70 19.30 4.21
N GLY B 315 -36.75 19.37 5.54
CA GLY B 315 -37.77 20.11 6.25
C GLY B 315 -37.32 21.50 6.65
N ASP B 316 -37.88 21.99 7.77
CA ASP B 316 -37.62 23.36 8.20
C ASP B 316 -36.19 23.58 8.66
N GLY B 317 -35.44 22.51 8.92
CA GLY B 317 -34.03 22.67 9.25
C GLY B 317 -33.21 23.23 8.11
N VAL B 318 -33.67 23.05 6.87
CA VAL B 318 -32.91 23.54 5.72
C VAL B 318 -32.73 25.05 5.80
N LYS B 319 -33.83 25.78 5.99
CA LYS B 319 -33.73 27.24 6.12
C LYS B 319 -32.76 27.63 7.23
N THR B 320 -32.88 26.99 8.40
CA THR B 320 -31.95 27.26 9.49
C THR B 320 -30.52 27.00 9.06
N HIS B 321 -30.29 25.91 8.33
CA HIS B 321 -28.93 25.56 7.94
C HIS B 321 -28.35 26.57 6.96
N VAL B 322 -29.15 27.01 5.99
CA VAL B 322 -28.69 28.00 5.03
C VAL B 322 -28.46 29.35 5.71
N GLU B 323 -29.34 29.70 6.66
CA GLU B 323 -29.18 30.97 7.36
C GLU B 323 -27.88 31.02 8.15
N THR B 324 -27.39 29.87 8.61
CA THR B 324 -26.15 29.83 9.38
C THR B 324 -24.91 29.69 8.50
N GLY B 325 -25.06 29.65 7.18
CA GLY B 325 -23.92 29.75 6.30
C GLY B 325 -23.64 28.55 5.43
N ALA B 326 -24.54 27.57 5.43
CA ALA B 326 -24.36 26.38 4.60
C ALA B 326 -24.70 26.69 3.15
N PHE B 327 -23.89 26.19 2.22
CA PHE B 327 -24.23 26.32 0.81
C PHE B 327 -25.26 25.25 0.45
N PRO B 328 -26.43 25.65 -0.07
CA PRO B 328 -27.57 24.71 -0.13
C PRO B 328 -27.40 23.63 -1.18
N ALA B 329 -28.18 22.56 -0.98
CA ALA B 329 -28.22 21.42 -1.89
C ALA B 329 -29.58 21.29 -2.57
N ASP B 330 -30.49 22.25 -2.37
CA ASP B 330 -31.85 22.14 -2.87
C ASP B 330 -32.18 23.32 -3.79
N LYS B 331 -33.16 23.08 -4.66
CA LYS B 331 -33.52 24.08 -5.66
C LYS B 331 -34.01 25.37 -5.02
N ALA B 332 -34.97 25.27 -4.11
CA ALA B 332 -35.64 26.47 -3.58
C ALA B 332 -34.64 27.44 -2.97
N SER B 333 -33.66 26.93 -2.22
CA SER B 333 -32.73 27.82 -1.53
C SER B 333 -31.89 28.61 -2.51
N LEU B 334 -31.42 27.99 -3.59
CA LEU B 334 -30.64 28.71 -4.59
C LEU B 334 -31.45 29.86 -5.21
N GLU B 335 -32.74 29.66 -5.40
CA GLU B 335 -33.58 30.63 -6.07
C GLU B 335 -34.12 31.72 -5.16
N ALA B 336 -33.97 31.58 -3.84
CA ALA B 336 -34.53 32.55 -2.91
C ALA B 336 -33.74 33.86 -2.93
N ASP B 337 -34.47 34.97 -2.89
CA ASP B 337 -33.82 36.29 -2.91
C ASP B 337 -32.86 36.47 -1.75
N TYR B 338 -33.25 36.00 -0.56
CA TYR B 338 -32.39 36.17 0.60
C TYR B 338 -31.04 35.47 0.41
N PHE B 339 -30.96 34.54 -0.54
CA PHE B 339 -29.70 33.87 -0.85
C PHE B 339 -29.01 34.47 -2.07
N LYS B 340 -29.65 34.43 -3.22
CA LYS B 340 -28.99 34.81 -4.46
C LYS B 340 -28.70 36.30 -4.56
N ASN B 341 -29.42 37.14 -3.81
CA ASN B 341 -29.18 38.58 -3.84
C ASN B 341 -28.21 39.03 -2.77
N ALA B 342 -27.57 38.09 -2.06
CA ALA B 342 -26.65 38.45 -0.99
C ALA B 342 -25.41 39.14 -1.54
N THR B 343 -24.98 40.20 -0.85
CA THR B 343 -23.72 40.87 -1.13
C THR B 343 -22.85 40.94 0.12
N THR B 344 -23.31 40.38 1.24
CA THR B 344 -22.57 40.32 2.48
C THR B 344 -22.66 38.90 3.02
N ILE B 345 -21.87 38.60 4.05
CA ILE B 345 -21.83 37.27 4.62
C ILE B 345 -21.62 37.39 6.12
N LYS B 346 -22.38 36.61 6.89
CA LYS B 346 -22.33 36.68 8.35
C LYS B 346 -21.17 35.87 8.88
N ASN B 347 -20.38 36.47 9.76
CA ASN B 347 -19.27 35.77 10.41
C ASN B 347 -19.83 34.91 11.55
N SER B 348 -18.94 34.35 12.36
CA SER B 348 -19.36 33.39 13.38
C SER B 348 -20.27 34.01 14.44
N ASP B 349 -20.24 35.33 14.61
CA ASP B 349 -21.08 36.00 15.60
C ASP B 349 -22.24 36.74 14.94
N GLY B 350 -22.52 36.47 13.67
CA GLY B 350 -23.67 37.04 13.00
C GLY B 350 -23.48 38.43 12.46
N LYS B 351 -22.29 39.00 12.57
CA LYS B 351 -22.02 40.29 11.95
C LYS B 351 -21.88 40.11 10.44
N GLU B 352 -22.49 41.02 9.68
CA GLU B 352 -22.49 40.94 8.23
C GLU B 352 -21.30 41.70 7.65
N ILE B 353 -20.50 41.01 6.85
CA ILE B 353 -19.29 41.56 6.27
C ILE B 353 -19.42 41.52 4.75
N ASP B 354 -19.07 42.61 4.09
CA ASP B 354 -19.08 42.70 2.63
C ASP B 354 -17.72 42.24 2.10
N TYR B 355 -17.51 40.92 2.18
CA TYR B 355 -16.18 40.38 1.93
C TYR B 355 -15.76 40.54 0.47
N PHE B 356 -16.71 40.46 -0.46
CA PHE B 356 -16.39 40.48 -1.88
C PHE B 356 -16.69 41.82 -2.54
N GLY B 357 -16.65 42.90 -1.76
CA GLY B 357 -16.81 44.24 -2.30
C GLY B 357 -18.09 44.45 -3.08
N GLY B 358 -19.22 44.05 -2.50
CA GLY B 358 -20.52 44.29 -3.09
C GLY B 358 -20.95 43.30 -4.15
N GLN B 359 -20.10 42.34 -4.52
CA GLN B 359 -20.45 41.39 -5.56
C GLN B 359 -21.64 40.52 -5.13
N LYS B 360 -22.49 40.18 -6.10
CA LYS B 360 -23.55 39.19 -5.89
C LYS B 360 -22.92 37.80 -5.97
N TYR B 361 -22.17 37.45 -4.92
CA TYR B 361 -21.33 36.26 -4.99
C TYR B 361 -22.15 34.98 -5.13
N ASN B 362 -23.32 34.92 -4.52
CA ASN B 362 -24.15 33.72 -4.65
C ASN B 362 -24.73 33.56 -6.04
N GLU B 363 -24.80 34.64 -6.82
CA GLU B 363 -25.21 34.50 -8.22
C GLU B 363 -24.19 33.68 -8.99
N VAL B 364 -22.91 33.87 -8.69
CA VAL B 364 -21.87 33.10 -9.36
C VAL B 364 -21.92 31.64 -8.90
N LEU B 365 -22.06 31.43 -7.59
CA LEU B 365 -22.07 30.07 -7.05
C LEU B 365 -23.29 29.29 -7.51
N ALA B 366 -24.42 29.96 -7.74
CA ALA B 366 -25.59 29.27 -8.26
C ALA B 366 -25.36 28.80 -9.69
N GLN B 367 -24.66 29.61 -10.50
CA GLN B 367 -24.28 29.15 -11.84
C GLN B 367 -23.27 28.02 -11.77
N ALA B 368 -22.31 28.11 -10.85
CA ALA B 368 -21.34 27.03 -10.69
C ALA B 368 -22.04 25.72 -10.35
N SER B 369 -23.09 25.80 -9.52
CA SER B 369 -23.86 24.61 -9.20
C SER B 369 -24.45 23.98 -10.46
N ALA B 370 -25.01 24.79 -11.35
CA ALA B 370 -25.67 24.27 -12.53
C ALA B 370 -24.70 23.67 -13.54
N ASP B 371 -23.44 24.10 -13.53
CA ASP B 371 -22.47 23.68 -14.52
C ASP B 371 -21.81 22.33 -14.20
N VAL B 372 -22.09 21.74 -13.04
CA VAL B 372 -21.36 20.55 -12.61
C VAL B 372 -21.62 19.40 -13.58
N LEU B 373 -20.55 18.80 -14.07
CA LEU B 373 -20.64 17.66 -14.97
C LEU B 373 -21.21 16.44 -14.26
N THR B 374 -22.03 15.67 -14.98
CA THR B 374 -22.49 14.38 -14.50
C THR B 374 -21.55 13.28 -14.98
N GLY B 375 -21.61 12.14 -14.30
CA GLY B 375 -20.93 10.95 -14.74
C GLY B 375 -19.64 10.61 -14.01
N TYR B 376 -19.18 11.47 -13.10
CA TYR B 376 -17.98 11.19 -12.33
C TYR B 376 -18.32 10.24 -11.19
N GLN B 377 -17.52 9.19 -11.02
CA GLN B 377 -17.74 8.19 -9.98
C GLN B 377 -16.60 8.23 -8.98
N PHE B 378 -16.93 8.01 -7.70
CA PHE B 378 -15.93 7.85 -6.67
C PHE B 378 -15.55 6.37 -6.55
N LEU B 379 -14.36 6.14 -6.00
CA LEU B 379 -13.97 4.79 -5.65
C LEU B 379 -14.78 4.31 -4.45
N PRO B 380 -14.90 2.99 -4.26
CA PRO B 380 -15.47 2.47 -3.01
C PRO B 380 -14.53 2.49 -1.83
N PHE B 381 -13.36 3.11 -1.96
CA PHE B 381 -12.44 3.30 -0.85
C PHE B 381 -11.69 4.62 -1.02
N GLU B 382 -12.45 5.71 -1.15
CA GLU B 382 -11.84 7.01 -1.39
C GLU B 382 -11.01 7.48 -0.20
N VAL B 383 -11.42 7.15 1.03
CA VAL B 383 -10.70 7.62 2.21
C VAL B 383 -9.27 7.09 2.19
N LYS B 384 -9.10 5.80 1.89
CA LYS B 384 -7.75 5.25 1.73
C LYS B 384 -7.05 5.86 0.54
N ALA B 385 -7.75 5.93 -0.60
CA ALA B 385 -7.14 6.45 -1.82
C ALA B 385 -6.59 7.86 -1.60
N ARG B 386 -7.40 8.74 -1.01
CA ARG B 386 -6.97 10.11 -0.78
C ARG B 386 -5.93 10.19 0.34
N GLY B 387 -5.92 9.22 1.24
CA GLY B 387 -4.95 9.23 2.33
C GLY B 387 -3.53 8.91 1.89
N VAL B 388 -3.39 8.09 0.84
CA VAL B 388 -2.06 7.72 0.36
C VAL B 388 -1.64 8.49 -0.88
N PHE B 389 -2.53 9.32 -1.44
CA PHE B 389 -2.15 10.20 -2.55
C PHE B 389 -0.82 10.88 -2.29
N GLY B 390 -0.66 11.46 -1.10
CA GLY B 390 0.57 12.15 -0.78
C GLY B 390 1.80 11.26 -0.86
N ASP B 391 1.65 9.98 -0.49
CA ASP B 391 2.79 9.08 -0.52
C ASP B 391 3.33 8.90 -1.94
N TYR B 392 2.44 8.84 -2.94
CA TYR B 392 2.84 8.59 -4.31
C TYR B 392 2.99 9.86 -5.15
N LEU B 393 2.33 10.96 -4.76
CA LEU B 393 2.40 12.21 -5.51
C LEU B 393 3.16 13.31 -4.79
N GLY B 394 3.48 13.15 -3.52
CA GLY B 394 4.10 14.22 -2.77
C GLY B 394 5.32 14.79 -3.45
N LYS B 395 6.22 13.91 -3.91
CA LYS B 395 7.47 14.35 -4.52
C LYS B 395 7.25 15.08 -5.84
N SER B 396 6.06 15.02 -6.42
CA SER B 396 5.76 15.83 -7.59
C SER B 396 5.49 17.29 -7.23
N TYR B 397 5.19 17.57 -5.96
CA TYR B 397 4.90 18.91 -5.50
C TYR B 397 6.07 19.54 -4.76
N THR B 398 6.80 18.76 -3.96
CA THR B 398 7.95 19.25 -3.23
C THR B 398 9.26 18.73 -3.80
N GLY B 399 9.22 17.94 -4.87
CA GLY B 399 10.39 17.43 -5.53
C GLY B 399 10.30 17.63 -7.03
N ASN B 400 10.92 16.71 -7.77
CA ASN B 400 11.00 16.80 -9.23
C ASN B 400 10.33 15.62 -9.92
N GLN B 401 9.51 14.85 -9.21
CA GLN B 401 8.85 13.72 -9.84
C GLN B 401 7.74 14.19 -10.77
N PRO B 402 7.69 13.70 -12.02
CA PRO B 402 6.56 14.05 -12.89
C PRO B 402 5.24 13.55 -12.31
N LEU B 403 4.23 14.41 -12.35
CA LEU B 403 2.87 14.03 -11.94
C LEU B 403 2.49 12.68 -12.53
N SER B 404 2.75 12.50 -13.82
CA SER B 404 2.30 11.28 -14.50
C SER B 404 2.92 10.03 -13.88
N GLU B 405 4.14 10.14 -13.34
CA GLU B 405 4.77 8.97 -12.73
C GLU B 405 4.15 8.66 -11.38
N GLY B 406 3.81 9.69 -10.60
CA GLY B 406 3.16 9.45 -9.32
C GLY B 406 1.77 8.87 -9.48
N VAL B 407 1.02 9.36 -10.47
CA VAL B 407 -0.32 8.83 -10.72
C VAL B 407 -0.26 7.35 -11.08
N ALA B 408 0.77 6.95 -11.84
CA ALA B 408 0.91 5.55 -12.21
C ALA B 408 1.17 4.69 -10.97
N ALA B 409 2.03 5.16 -10.06
CA ALA B 409 2.29 4.43 -8.83
C ALA B 409 1.06 4.40 -7.93
N TRP B 410 0.36 5.53 -7.85
CA TRP B 410 -0.90 5.59 -7.11
C TRP B 410 -1.89 4.56 -7.64
N GLN B 411 -2.06 4.51 -8.96
CA GLN B 411 -2.99 3.54 -9.55
C GLN B 411 -2.62 2.11 -9.15
N LYS B 412 -1.35 1.76 -9.29
CA LYS B 412 -0.93 0.40 -8.97
C LYS B 412 -1.25 0.08 -7.51
N ALA B 413 -0.95 1.01 -6.61
CA ALA B 413 -1.25 0.80 -5.19
C ALA B 413 -2.75 0.66 -4.96
N LEU B 414 -3.55 1.51 -5.61
CA LEU B 414 -5.00 1.42 -5.44
C LEU B 414 -5.53 0.08 -5.91
N ILE B 415 -5.00 -0.43 -7.02
CA ILE B 415 -5.44 -1.73 -7.51
C ILE B 415 -5.06 -2.83 -6.53
N ASP B 416 -3.85 -2.77 -5.98
CA ASP B 416 -3.45 -3.75 -4.96
C ASP B 416 -4.40 -3.68 -3.76
N TYR B 417 -4.67 -2.47 -3.27
CA TYR B 417 -5.53 -2.32 -2.10
C TYR B 417 -6.91 -2.89 -2.37
N GLY B 418 -7.49 -2.56 -3.53
CA GLY B 418 -8.80 -3.08 -3.87
C GLY B 418 -8.87 -4.59 -3.81
N LYS B 419 -7.87 -5.26 -4.40
CA LYS B 419 -7.82 -6.71 -4.32
C LYS B 419 -7.73 -7.18 -2.88
N GLU B 420 -6.87 -6.53 -2.07
CA GLU B 420 -6.70 -6.92 -0.68
C GLU B 420 -8.00 -6.81 0.10
N GLN B 421 -8.87 -5.87 -0.26
CA GLN B 421 -10.12 -5.67 0.45
C GLN B 421 -11.27 -6.48 -0.13
N GLY B 422 -11.02 -7.27 -1.19
CA GLY B 422 -12.02 -8.18 -1.71
C GLY B 422 -12.71 -7.76 -2.97
N PHE B 423 -12.37 -6.59 -3.53
CA PHE B 423 -12.98 -6.17 -4.78
C PHE B 423 -12.32 -6.90 -5.95
N THR B 424 -13.10 -7.04 -7.04
CA THR B 424 -12.58 -7.55 -8.30
C THR B 424 -12.06 -6.38 -9.12
N LYS B 426 -9.84 -4.24 -12.14
CA LYS B 426 -9.39 -4.22 -13.53
C LYS B 426 -8.59 -2.94 -13.81
#